data_4BFT
#
_entry.id   4BFT
#
_cell.length_a   88.400
_cell.length_b   149.690
_cell.length_c   62.770
_cell.angle_alpha   90.00
_cell.angle_beta   90.00
_cell.angle_gamma   90.00
#
_symmetry.space_group_name_H-M   'P 21 21 2'
#
loop_
_entity.id
_entity.type
_entity.pdbx_description
1 polymer 'PANTOTHENATE KINASE'
2 non-polymer 'PHOSPHATE ION'
3 non-polymer 2-chloro-N-[1-(5-{[2-(4-fluorophenoxy)ethyl]sulfanyl}-4-methyl-4H-1,2,4-triazol-3-yl)ethyl]benzamide
4 water water
#
_entity_poly.entity_id   1
_entity_poly.type   'polypeptide(L)'
_entity_poly.pdbx_seq_one_letter_code
;HHHHHHMSRLSEPSPYVEFDRRQWRALRMSTPLALTEEELVGLRGLGEQIDLLEVEEVYLPLARLIHLQVAARQRLFAAT
AEFLGEPQQNPDRPVPFIIGVAGSVAVGKSTTARVLQALLARWDHHPRVDLVTTDGFLYPNAELQRRNLMHRKGFPESYN
RRALMRFVTSVKSGSDYACAPVYSHLHYDIIPGAEQVVRHPDILILEGLNVLQTGPTLMVSDLFDFSLYVDARIEDIEQW
YVSRFLAMRTTAFADPESHFHHYAAFSDSQAVVAAREIWRTINRPNLVENILPTRPRATLVLRKDADHSINRLRLRKL
;
_entity_poly.pdbx_strand_id   A,B
#
loop_
_chem_comp.id
_chem_comp.type
_chem_comp.name
_chem_comp.formula
PO4 non-polymer 'PHOSPHATE ION' 'O4 P -3'
ZVT non-polymer 2-chloro-N-[1-(5-{[2-(4-fluorophenoxy)ethyl]sulfanyl}-4-methyl-4H-1,2,4-triazol-3-yl)ethyl]benzamide 'C20 H20 Cl F N4 O2 S'
#
# COMPACT_ATOMS: atom_id res chain seq x y z
N PRO A 13 -14.36 -16.76 -3.25
CA PRO A 13 -12.95 -16.46 -3.55
C PRO A 13 -12.67 -14.94 -3.66
N SER A 14 -13.14 -14.16 -2.69
CA SER A 14 -13.04 -12.68 -2.70
C SER A 14 -12.27 -12.13 -1.48
N PRO A 15 -11.46 -11.04 -1.66
CA PRO A 15 -10.67 -10.48 -0.54
C PRO A 15 -11.49 -9.59 0.38
N TYR A 16 -12.77 -9.51 0.08
CA TYR A 16 -13.69 -8.58 0.74
C TYR A 16 -14.65 -9.33 1.60
N VAL A 17 -14.97 -8.77 2.77
CA VAL A 17 -16.18 -9.16 3.51
C VAL A 17 -17.31 -8.28 2.99
N GLU A 18 -18.45 -8.87 2.67
CA GLU A 18 -19.47 -8.04 2.07
C GLU A 18 -20.80 -7.96 2.76
N PHE A 19 -21.17 -6.75 3.18
CA PHE A 19 -22.51 -6.48 3.75
C PHE A 19 -23.40 -5.67 2.80
N ASP A 20 -24.71 -5.89 2.84
CA ASP A 20 -25.62 -4.91 2.26
C ASP A 20 -26.26 -4.07 3.38
N ARG A 21 -27.13 -3.14 2.99
CA ARG A 21 -27.73 -2.23 3.95
C ARG A 21 -28.43 -3.02 5.06
N ARG A 22 -29.31 -3.93 4.65
CA ARG A 22 -30.05 -4.78 5.58
C ARG A 22 -29.08 -5.45 6.55
N GLN A 23 -28.26 -6.33 6.00
CA GLN A 23 -27.26 -7.03 6.76
C GLN A 23 -26.51 -6.18 7.75
N TRP A 24 -26.16 -4.96 7.35
CA TRP A 24 -25.40 -4.08 8.23
C TRP A 24 -26.22 -3.58 9.44
N ARG A 25 -27.40 -2.98 9.17
CA ARG A 25 -28.38 -2.62 10.23
C ARG A 25 -28.53 -3.73 11.27
N ALA A 26 -28.84 -4.94 10.76
CA ALA A 26 -29.16 -6.15 11.56
C ALA A 26 -28.07 -6.64 12.53
N LEU A 27 -26.82 -6.31 12.23
CA LEU A 27 -25.68 -6.74 13.04
C LEU A 27 -25.89 -6.37 14.51
N ARG A 28 -25.54 -7.30 15.39
CA ARG A 28 -25.56 -7.05 16.82
C ARG A 28 -24.18 -6.53 17.19
N MET A 29 -24.12 -5.25 17.56
CA MET A 29 -22.87 -4.62 17.95
C MET A 29 -22.78 -4.47 19.47
N SER A 30 -22.09 -5.44 20.10
CA SER A 30 -22.21 -5.72 21.55
C SER A 30 -21.66 -4.65 22.53
N THR A 31 -21.36 -3.47 21.99
CA THR A 31 -21.30 -2.25 22.78
C THR A 31 -22.25 -1.25 22.11
N PRO A 32 -23.30 -0.81 22.83
CA PRO A 32 -24.22 0.14 22.23
C PRO A 32 -23.49 1.43 21.84
N LEU A 33 -23.74 1.89 20.62
CA LEU A 33 -23.23 3.18 20.16
C LEU A 33 -24.40 4.15 19.93
N ALA A 34 -24.32 5.33 20.55
CA ALA A 34 -25.34 6.36 20.36
C ALA A 34 -24.75 7.76 20.38
N LEU A 35 -25.42 8.65 19.66
CA LEU A 35 -24.95 10.00 19.49
C LEU A 35 -25.64 10.93 20.47
N THR A 36 -24.84 11.73 21.18
CA THR A 36 -25.38 12.71 22.11
C THR A 36 -26.09 13.90 21.42
N GLU A 37 -26.54 14.84 22.25
CA GLU A 37 -27.49 15.88 21.87
C GLU A 37 -27.09 16.92 20.79
N GLU A 38 -25.99 17.70 20.89
CA GLU A 38 -24.71 17.53 21.64
C GLU A 38 -23.66 16.84 20.75
N GLU A 39 -24.13 15.95 19.87
CA GLU A 39 -23.34 15.43 18.76
C GLU A 39 -24.15 15.49 17.46
N LEU A 40 -25.48 15.49 17.58
CA LEU A 40 -26.40 15.63 16.44
C LEU A 40 -26.64 17.09 16.00
N VAL A 41 -26.37 18.04 16.90
CA VAL A 41 -26.44 19.47 16.59
C VAL A 41 -25.29 19.90 15.65
N GLY A 42 -24.13 19.29 15.80
CA GLY A 42 -22.98 19.57 14.93
C GLY A 42 -23.02 18.89 13.57
N LEU A 43 -23.61 17.70 13.52
CA LEU A 43 -23.75 16.93 12.28
C LEU A 43 -24.95 17.44 11.49
N ARG A 44 -25.60 18.45 12.06
CA ARG A 44 -26.53 19.28 11.32
C ARG A 44 -25.78 20.53 10.83
N GLY A 45 -24.64 20.84 11.46
CA GLY A 45 -23.78 21.97 11.06
C GLY A 45 -23.17 21.83 9.67
N LEU A 46 -22.66 20.63 9.37
CA LEU A 46 -22.23 20.27 8.01
C LEU A 46 -23.42 19.66 7.30
N GLY A 47 -24.61 20.09 7.73
CA GLY A 47 -25.90 19.49 7.34
C GLY A 47 -26.36 19.75 5.92
N GLU A 48 -25.50 19.33 4.97
CA GLU A 48 -25.80 19.35 3.54
C GLU A 48 -26.89 18.31 3.23
N GLN A 49 -28.04 18.47 3.89
CA GLN A 49 -29.21 17.58 3.73
C GLN A 49 -28.97 16.17 4.28
N ILE A 50 -27.79 15.92 4.87
CA ILE A 50 -27.36 14.53 5.17
C ILE A 50 -28.11 13.81 6.27
N ASP A 51 -28.84 12.80 5.81
CA ASP A 51 -29.52 11.78 6.59
C ASP A 51 -28.79 11.45 7.92
N LEU A 52 -29.42 11.79 9.05
CA LEU A 52 -28.82 11.48 10.36
C LEU A 52 -29.04 10.04 10.79
N LEU A 53 -30.05 9.38 10.24
CA LEU A 53 -30.23 7.95 10.49
C LEU A 53 -28.98 7.27 10.00
N GLU A 54 -28.70 7.45 8.72
CA GLU A 54 -27.49 6.94 8.11
C GLU A 54 -26.22 7.27 8.88
N VAL A 55 -26.11 8.48 9.42
CA VAL A 55 -24.92 8.83 10.18
C VAL A 55 -24.86 7.83 11.33
N GLU A 56 -25.97 7.69 12.04
CA GLU A 56 -26.03 6.82 13.21
C GLU A 56 -26.05 5.33 12.85
N GLU A 57 -26.74 4.95 11.78
CA GLU A 57 -26.87 3.56 11.39
C GLU A 57 -25.67 3.02 10.59
N VAL A 58 -24.85 3.91 10.03
CA VAL A 58 -23.75 3.47 9.13
C VAL A 58 -22.38 4.06 9.53
N TYR A 59 -22.21 5.37 9.34
CA TYR A 59 -20.95 6.06 9.62
C TYR A 59 -20.44 5.92 11.02
N LEU A 60 -21.33 5.70 11.97
CA LEU A 60 -20.90 5.61 13.36
C LEU A 60 -20.30 4.25 13.61
N PRO A 61 -20.96 3.16 13.14
CA PRO A 61 -20.26 1.88 13.21
C PRO A 61 -19.02 1.85 12.28
N LEU A 62 -19.19 2.38 11.08
CA LEU A 62 -18.06 2.51 10.20
C LEU A 62 -16.87 3.13 10.94
N ALA A 63 -17.14 4.17 11.72
CA ALA A 63 -16.10 4.90 12.44
C ALA A 63 -15.50 4.14 13.62
N ARG A 64 -16.22 3.17 14.17
CA ARG A 64 -15.72 2.40 15.30
C ARG A 64 -14.77 1.35 14.74
N LEU A 65 -15.20 0.75 13.65
CA LEU A 65 -14.36 -0.11 12.87
C LEU A 65 -12.98 0.51 12.64
N ILE A 66 -12.97 1.79 12.28
CA ILE A 66 -11.76 2.47 11.91
C ILE A 66 -10.97 2.86 13.16
N HIS A 67 -11.71 3.10 14.24
CA HIS A 67 -11.13 3.42 15.54
C HIS A 67 -10.31 2.25 16.01
N LEU A 68 -10.85 1.07 15.80
CA LEU A 68 -10.21 -0.17 16.21
C LEU A 68 -8.81 -0.32 15.56
N GLN A 69 -8.68 0.26 14.36
CA GLN A 69 -7.43 0.19 13.63
C GLN A 69 -6.54 1.29 14.08
N VAL A 70 -7.08 2.49 14.25
CA VAL A 70 -6.24 3.55 14.83
C VAL A 70 -5.63 3.04 16.15
N ALA A 71 -6.47 2.39 16.96
CA ALA A 71 -6.08 1.94 18.31
C ALA A 71 -5.05 0.85 18.25
N ALA A 72 -5.27 -0.17 17.41
CA ALA A 72 -4.23 -1.17 17.08
C ALA A 72 -2.87 -0.55 16.69
N ARG A 73 -2.87 0.43 15.81
CA ARG A 73 -1.61 1.09 15.39
C ARG A 73 -0.90 1.78 16.56
N GLN A 74 -1.70 2.41 17.43
CA GLN A 74 -1.14 3.17 18.54
C GLN A 74 -0.44 2.22 19.50
N ARG A 75 -1.09 1.09 19.77
CA ARG A 75 -0.58 0.14 20.73
C ARG A 75 0.62 -0.61 20.17
N LEU A 76 0.66 -0.77 18.85
CA LEU A 76 1.79 -1.38 18.16
C LEU A 76 2.99 -0.47 18.24
N PHE A 77 2.77 0.81 18.00
CA PHE A 77 3.83 1.79 18.18
C PHE A 77 4.45 1.66 19.58
N ALA A 78 3.59 1.52 20.58
CA ALA A 78 4.05 1.44 21.95
C ALA A 78 4.86 0.17 22.12
N ALA A 79 4.39 -0.92 21.51
CA ALA A 79 5.01 -2.21 21.71
C ALA A 79 6.37 -2.15 21.03
N THR A 80 6.41 -1.60 19.84
CA THR A 80 7.61 -1.55 19.05
C THR A 80 8.65 -0.70 19.77
N ALA A 81 8.24 0.50 20.19
CA ALA A 81 9.10 1.43 20.92
C ALA A 81 9.65 0.82 22.20
N GLU A 82 8.82 0.02 22.88
CA GLU A 82 9.29 -0.67 24.07
C GLU A 82 10.31 -1.76 23.75
N PHE A 83 10.01 -2.62 22.80
CA PHE A 83 10.94 -3.66 22.41
C PHE A 83 12.27 -3.07 21.97
N LEU A 84 12.27 -1.88 21.37
CA LEU A 84 13.52 -1.23 20.95
C LEU A 84 14.33 -0.58 22.07
N GLY A 85 13.73 -0.42 23.25
CA GLY A 85 14.38 0.20 24.39
C GLY A 85 14.35 1.70 24.30
N GLU A 86 13.32 2.25 23.66
CA GLU A 86 13.05 3.70 23.54
C GLU A 86 14.21 4.55 22.97
N PRO A 87 14.91 4.05 21.94
CA PRO A 87 16.06 4.77 21.41
C PRO A 87 15.71 6.20 21.01
N GLN A 88 16.71 7.08 21.06
CA GLN A 88 16.45 8.52 20.84
C GLN A 88 15.80 8.81 19.49
N GLN A 89 16.29 8.16 18.44
CA GLN A 89 15.85 8.42 17.07
C GLN A 89 14.42 7.94 16.74
N ASN A 90 13.84 7.09 17.60
CA ASN A 90 12.40 6.79 17.50
C ASN A 90 11.53 7.98 17.93
N PRO A 91 10.42 8.27 17.20
CA PRO A 91 9.51 9.28 17.72
C PRO A 91 8.85 8.80 19.02
N ASP A 92 8.49 9.71 19.92
CA ASP A 92 7.85 9.28 21.19
C ASP A 92 6.35 9.10 21.04
N ARG A 93 5.80 9.50 19.90
CA ARG A 93 4.37 9.32 19.64
C ARG A 93 4.13 8.65 18.28
N PRO A 94 2.98 7.94 18.14
CA PRO A 94 2.65 7.49 16.79
C PRO A 94 2.54 8.68 15.83
N VAL A 95 3.12 8.52 14.65
CA VAL A 95 2.93 9.46 13.57
C VAL A 95 1.42 9.42 13.21
N PRO A 96 0.92 10.47 12.55
CA PRO A 96 -0.52 10.50 12.28
C PRO A 96 -1.00 9.27 11.50
N PHE A 97 -2.24 8.87 11.78
CA PHE A 97 -2.88 7.81 11.07
C PHE A 97 -3.59 8.45 9.87
N ILE A 98 -3.18 8.05 8.68
CA ILE A 98 -3.70 8.71 7.50
C ILE A 98 -4.78 7.87 6.81
N ILE A 99 -5.92 8.51 6.49
CA ILE A 99 -7.02 7.87 5.83
C ILE A 99 -7.29 8.53 4.51
N GLY A 100 -7.21 7.80 3.41
CA GLY A 100 -7.67 8.36 2.13
C GLY A 100 -9.17 8.18 1.88
N VAL A 101 -9.72 9.08 1.08
CA VAL A 101 -11.13 9.07 0.69
C VAL A 101 -11.15 9.51 -0.79
N ALA A 102 -11.48 8.55 -1.63
CA ALA A 102 -11.48 8.66 -3.05
C ALA A 102 -12.87 8.37 -3.58
N GLY A 103 -13.10 8.80 -4.82
CA GLY A 103 -14.30 8.49 -5.57
C GLY A 103 -14.47 9.59 -6.58
N SER A 104 -15.51 9.50 -7.40
CA SER A 104 -15.84 10.53 -8.38
C SER A 104 -16.09 11.93 -7.85
N VAL A 105 -16.08 12.89 -8.78
CA VAL A 105 -16.64 14.21 -8.49
C VAL A 105 -18.12 13.96 -8.31
N ALA A 106 -18.77 14.62 -7.34
CA ALA A 106 -20.24 14.51 -7.15
C ALA A 106 -20.70 13.23 -6.44
N VAL A 107 -19.84 12.61 -5.64
CA VAL A 107 -20.20 11.29 -5.13
C VAL A 107 -20.45 11.46 -3.66
N GLY A 108 -19.97 12.56 -3.11
CA GLY A 108 -20.15 12.79 -1.68
C GLY A 108 -18.90 12.55 -0.87
N LYS A 109 -17.76 12.36 -1.54
CA LYS A 109 -16.48 12.18 -0.83
C LYS A 109 -16.39 13.15 0.34
N SER A 110 -16.61 14.42 0.06
CA SER A 110 -16.27 15.44 1.04
C SER A 110 -17.22 15.38 2.26
N THR A 111 -18.46 15.08 1.94
CA THR A 111 -19.49 14.97 2.91
C THR A 111 -19.13 13.74 3.77
N THR A 112 -18.80 12.65 3.08
CA THR A 112 -18.31 11.43 3.77
C THR A 112 -17.08 11.70 4.65
N ALA A 113 -16.12 12.42 4.09
CA ALA A 113 -14.93 12.71 4.83
C ALA A 113 -15.34 13.54 6.01
N ARG A 114 -16.12 14.59 5.77
CA ARG A 114 -16.56 15.50 6.84
C ARG A 114 -17.24 14.79 8.03
N VAL A 115 -18.14 13.85 7.73
CA VAL A 115 -18.81 13.04 8.79
C VAL A 115 -17.80 12.14 9.56
N LEU A 116 -16.98 11.38 8.82
CA LEU A 116 -15.93 10.54 9.44
C LEU A 116 -15.01 11.40 10.33
N GLN A 117 -14.68 12.60 9.85
CA GLN A 117 -13.84 13.49 10.62
C GLN A 117 -14.49 13.72 11.93
N ALA A 118 -15.79 14.06 11.85
CA ALA A 118 -16.51 14.52 13.02
C ALA A 118 -16.72 13.36 13.97
N LEU A 119 -17.17 12.22 13.44
CA LEU A 119 -17.39 11.02 14.26
C LEU A 119 -16.12 10.47 14.85
N LEU A 120 -14.99 10.52 14.12
CA LEU A 120 -13.78 9.85 14.60
C LEU A 120 -13.18 10.58 15.80
N ALA A 121 -13.44 11.88 15.87
CA ALA A 121 -12.84 12.74 16.90
C ALA A 121 -13.42 12.54 18.31
N ARG A 122 -14.55 11.82 18.44
CA ARG A 122 -15.13 11.63 19.80
C ARG A 122 -14.27 10.79 20.72
N TRP A 123 -13.52 9.82 20.18
CA TRP A 123 -12.61 9.05 21.01
C TRP A 123 -11.45 9.88 21.57
N ASP A 124 -11.02 9.50 22.77
CA ASP A 124 -9.91 10.14 23.46
C ASP A 124 -8.59 9.56 22.99
N HIS A 125 -8.66 8.51 22.18
CA HIS A 125 -7.47 7.92 21.54
C HIS A 125 -6.96 8.82 20.42
N HIS A 126 -7.88 9.55 19.80
CA HIS A 126 -7.57 10.36 18.63
C HIS A 126 -8.53 11.54 18.44
N PRO A 127 -8.54 12.49 19.40
CA PRO A 127 -9.47 13.64 19.27
C PRO A 127 -9.05 14.59 18.15
N ARG A 128 -7.77 14.59 17.81
CA ARG A 128 -7.28 15.55 16.87
C ARG A 128 -7.25 14.97 15.45
N VAL A 129 -8.38 15.10 14.77
CA VAL A 129 -8.56 14.64 13.41
C VAL A 129 -8.53 15.85 12.47
N ASP A 130 -7.71 15.82 11.41
CA ASP A 130 -7.72 16.91 10.41
C ASP A 130 -8.22 16.43 9.06
N LEU A 131 -8.60 17.37 8.21
CA LEU A 131 -9.12 17.03 6.90
C LEU A 131 -8.53 17.95 5.85
N VAL A 132 -7.90 17.36 4.83
CA VAL A 132 -7.34 18.12 3.75
C VAL A 132 -7.84 17.50 2.47
N THR A 133 -8.32 18.34 1.56
CA THR A 133 -8.69 17.96 0.24
C THR A 133 -7.52 18.13 -0.74
N THR A 134 -7.38 17.21 -1.70
CA THR A 134 -6.27 17.29 -2.63
C THR A 134 -6.46 18.42 -3.65
N ASP A 135 -7.65 18.98 -3.71
CA ASP A 135 -7.96 20.15 -4.48
C ASP A 135 -6.96 21.30 -4.32
N GLY A 136 -6.43 21.47 -3.13
CA GLY A 136 -5.50 22.55 -2.86
C GLY A 136 -4.18 22.29 -3.55
N PHE A 137 -3.99 21.06 -4.02
CA PHE A 137 -2.75 20.74 -4.68
C PHE A 137 -2.95 20.75 -6.19
N LEU A 138 -4.14 21.10 -6.66
CA LEU A 138 -4.27 21.43 -8.09
C LEU A 138 -3.30 22.62 -8.40
N TYR A 139 -2.89 22.74 -9.67
CA TYR A 139 -2.12 23.87 -10.15
C TYR A 139 -3.05 25.05 -10.32
N PRO A 140 -2.57 26.27 -10.02
CA PRO A 140 -3.37 27.45 -10.30
C PRO A 140 -3.70 27.51 -11.79
N ASN A 141 -4.88 28.01 -12.16
CA ASN A 141 -5.25 28.18 -13.56
C ASN A 141 -4.20 28.92 -14.39
N ALA A 142 -3.44 29.77 -13.70
CA ALA A 142 -2.23 30.38 -14.24
C ALA A 142 -1.31 29.29 -14.79
N GLU A 143 -0.75 28.52 -13.87
CA GLU A 143 0.21 27.47 -14.16
C GLU A 143 -0.38 26.36 -15.02
N LEU A 144 -1.69 26.23 -14.98
CA LEU A 144 -2.35 25.20 -15.73
C LEU A 144 -2.47 25.65 -17.17
N GLN A 145 -2.57 26.96 -17.39
CA GLN A 145 -2.64 27.52 -18.75
C GLN A 145 -1.32 27.23 -19.45
N ARG A 146 -0.20 27.52 -18.77
CA ARG A 146 1.13 27.32 -19.35
C ARG A 146 1.34 25.90 -19.86
N ARG A 147 0.64 24.92 -19.26
CA ARG A 147 0.85 23.52 -19.63
C ARG A 147 -0.11 23.00 -20.68
N ASN A 148 -1.04 23.87 -21.11
CA ASN A 148 -2.21 23.45 -21.91
C ASN A 148 -3.00 22.34 -21.17
N LEU A 149 -3.29 22.58 -19.89
CA LEU A 149 -3.98 21.57 -19.11
C LEU A 149 -5.39 21.91 -18.64
N MET A 150 -5.78 23.18 -18.79
CA MET A 150 -7.13 23.63 -18.43
C MET A 150 -8.26 22.68 -18.82
N HIS A 151 -8.23 22.07 -20.00
CA HIS A 151 -9.26 21.08 -20.31
C HIS A 151 -9.25 19.81 -19.45
N ARG A 152 -8.29 19.67 -18.57
CA ARG A 152 -8.18 18.47 -17.77
C ARG A 152 -7.99 18.76 -16.30
N LYS A 153 -8.56 19.84 -15.82
CA LYS A 153 -8.62 20.01 -14.38
C LYS A 153 -9.25 18.77 -13.76
N GLY A 154 -8.52 18.19 -12.79
CA GLY A 154 -8.99 16.99 -12.10
C GLY A 154 -8.60 15.69 -12.76
N PHE A 155 -7.81 15.79 -13.84
CA PHE A 155 -7.04 14.64 -14.32
C PHE A 155 -5.71 14.63 -13.58
N PRO A 156 -5.00 13.48 -13.54
CA PRO A 156 -3.82 13.34 -12.67
C PRO A 156 -2.73 14.46 -12.81
N GLU A 157 -2.36 14.79 -14.03
CA GLU A 157 -1.33 15.80 -14.31
C GLU A 157 -1.77 17.22 -13.98
N SER A 158 -3.07 17.41 -13.68
CA SER A 158 -3.55 18.76 -13.32
C SER A 158 -3.15 19.14 -11.91
N TYR A 159 -2.50 18.20 -11.23
CA TYR A 159 -2.04 18.35 -9.86
C TYR A 159 -0.54 18.52 -9.69
N ASN A 160 -0.16 19.26 -8.67
CA ASN A 160 1.23 19.26 -8.26
C ASN A 160 1.53 18.07 -7.36
N ARG A 161 1.84 16.95 -7.98
CA ARG A 161 2.11 15.68 -7.28
C ARG A 161 3.36 15.66 -6.40
N ARG A 162 4.44 16.28 -6.87
CA ARG A 162 5.65 16.42 -6.02
C ARG A 162 5.26 17.12 -4.74
N ALA A 163 4.47 18.18 -4.87
CA ALA A 163 4.01 18.94 -3.70
C ALA A 163 3.07 18.14 -2.81
N LEU A 164 2.13 17.44 -3.43
CA LEU A 164 1.20 16.63 -2.69
C LEU A 164 2.02 15.64 -1.88
N MET A 165 2.89 14.93 -2.58
CA MET A 165 3.78 13.96 -1.93
C MET A 165 4.61 14.53 -0.78
N ARG A 166 5.19 15.71 -0.98
CA ARG A 166 6.07 16.30 0.04
C ARG A 166 5.22 16.59 1.23
N PHE A 167 4.05 17.17 0.98
CA PHE A 167 3.09 17.45 2.04
C PHE A 167 2.71 16.20 2.83
N VAL A 168 2.16 15.17 2.15
CA VAL A 168 1.77 13.93 2.83
C VAL A 168 2.96 13.24 3.47
N THR A 169 4.13 13.32 2.82
CA THR A 169 5.38 12.81 3.43
C THR A 169 5.67 13.49 4.76
N SER A 170 5.52 14.80 4.80
CA SER A 170 5.90 15.53 6.03
C SER A 170 4.98 15.14 7.17
N VAL A 171 3.68 15.07 6.87
CA VAL A 171 2.72 14.68 7.91
C VAL A 171 3.04 13.28 8.38
N LYS A 172 3.35 12.40 7.43
CA LYS A 172 3.65 11.03 7.79
C LYS A 172 5.02 10.85 8.46
N SER A 173 5.92 11.80 8.23
CA SER A 173 7.25 11.81 8.87
C SER A 173 7.20 12.13 10.35
N GLY A 174 5.97 12.26 10.86
CA GLY A 174 5.73 12.64 12.27
C GLY A 174 6.17 14.07 12.55
N SER A 175 6.02 14.92 11.54
CA SER A 175 6.45 16.30 11.66
C SER A 175 5.44 17.12 12.45
N ASP A 176 5.94 18.17 13.09
CA ASP A 176 5.15 19.11 13.90
C ASP A 176 4.33 20.10 13.08
N TYR A 177 4.67 20.24 11.82
CA TYR A 177 4.19 21.35 11.03
C TYR A 177 4.22 20.98 9.56
N ALA A 178 3.14 21.24 8.85
CA ALA A 178 3.06 21.02 7.40
C ALA A 178 1.90 21.79 6.84
N CYS A 179 2.14 22.42 5.71
CA CYS A 179 1.23 23.37 5.17
C CYS A 179 0.75 22.88 3.80
N ALA A 180 -0.54 23.08 3.49
CA ALA A 180 -1.08 22.81 2.15
C ALA A 180 -1.78 24.02 1.58
N PRO A 181 -1.66 24.25 0.26
CA PRO A 181 -2.43 25.33 -0.35
C PRO A 181 -3.93 25.13 -0.17
N VAL A 182 -4.73 26.06 -0.69
CA VAL A 182 -6.19 26.01 -0.55
C VAL A 182 -6.80 26.35 -1.89
N TYR A 183 -7.79 25.55 -2.28
CA TYR A 183 -8.50 25.77 -3.53
C TYR A 183 -9.86 26.42 -3.25
N SER A 184 -10.34 27.23 -4.18
CA SER A 184 -11.64 27.90 -4.07
C SER A 184 -12.57 27.33 -5.12
N HIS A 185 -13.62 26.64 -4.72
CA HIS A 185 -14.59 26.18 -5.73
C HIS A 185 -15.45 27.33 -6.29
N LEU A 186 -15.61 28.36 -5.46
CA LEU A 186 -16.32 29.59 -5.81
C LEU A 186 -15.64 30.22 -7.04
N HIS A 187 -14.35 30.48 -6.92
CA HIS A 187 -13.55 31.12 -7.98
C HIS A 187 -12.88 30.17 -8.98
N TYR A 188 -13.07 28.85 -8.82
CA TYR A 188 -12.43 27.88 -9.71
C TYR A 188 -10.89 28.09 -9.77
N ASP A 189 -10.25 28.25 -8.62
CA ASP A 189 -8.80 28.51 -8.59
C ASP A 189 -8.20 28.45 -7.19
N ILE A 190 -6.87 28.36 -7.12
CA ILE A 190 -6.15 28.35 -5.85
C ILE A 190 -6.05 29.79 -5.31
N ILE A 191 -6.48 29.95 -4.06
CA ILE A 191 -6.51 31.23 -3.39
C ILE A 191 -5.09 31.57 -2.95
N PRO A 192 -4.51 32.61 -3.59
CA PRO A 192 -3.08 32.84 -3.46
C PRO A 192 -2.77 33.29 -2.05
N GLY A 193 -1.65 32.82 -1.51
CA GLY A 193 -1.28 33.09 -0.11
C GLY A 193 -2.00 32.23 0.92
N ALA A 194 -3.16 31.68 0.55
CA ALA A 194 -3.99 30.88 1.45
C ALA A 194 -3.37 29.51 1.66
N GLU A 195 -3.39 29.07 2.91
CA GLU A 195 -2.78 27.82 3.31
C GLU A 195 -3.50 27.20 4.51
N GLN A 196 -3.59 25.86 4.52
CA GLN A 196 -4.10 25.15 5.69
C GLN A 196 -2.95 24.54 6.44
N VAL A 197 -3.02 24.49 7.75
CA VAL A 197 -1.87 24.00 8.46
C VAL A 197 -2.26 22.78 9.22
N VAL A 198 -1.34 21.82 9.24
CA VAL A 198 -1.56 20.60 9.95
C VAL A 198 -0.39 20.45 10.88
N ARG A 199 -0.70 20.18 12.15
CA ARG A 199 0.28 20.12 13.21
C ARG A 199 0.18 18.78 13.90
N HIS A 200 0.29 17.73 13.09
CA HIS A 200 0.51 16.37 13.58
C HIS A 200 -0.76 15.90 14.24
N PRO A 201 -1.87 15.89 13.49
CA PRO A 201 -3.13 15.43 14.08
C PRO A 201 -3.00 13.99 14.41
N ASP A 202 -3.85 13.46 15.28
CA ASP A 202 -3.79 12.02 15.54
C ASP A 202 -4.23 11.28 14.31
N ILE A 203 -4.96 11.94 13.42
CA ILE A 203 -5.57 11.29 12.28
C ILE A 203 -5.74 12.33 11.21
N LEU A 204 -5.16 12.12 10.04
CA LEU A 204 -5.47 13.05 8.95
C LEU A 204 -6.26 12.34 7.89
N ILE A 205 -7.42 12.89 7.53
CA ILE A 205 -8.16 12.37 6.39
C ILE A 205 -7.68 13.11 5.15
N LEU A 206 -7.48 12.40 4.02
CA LEU A 206 -7.08 13.04 2.79
C LEU A 206 -8.10 12.70 1.72
N GLU A 207 -8.83 13.74 1.34
CA GLU A 207 -9.98 13.60 0.46
C GLU A 207 -9.63 14.09 -0.94
N GLY A 208 -10.02 13.33 -1.95
CA GLY A 208 -9.92 13.78 -3.33
C GLY A 208 -9.87 12.64 -4.32
N LEU A 209 -10.29 12.92 -5.55
CA LEU A 209 -10.37 11.97 -6.69
C LEU A 209 -9.15 11.11 -6.92
N ASN A 210 -7.99 11.68 -6.62
CA ASN A 210 -6.78 11.10 -7.10
C ASN A 210 -6.02 10.35 -6.02
N VAL A 211 -6.56 10.31 -4.81
CA VAL A 211 -5.74 9.88 -3.63
C VAL A 211 -5.23 8.40 -3.70
N LEU A 212 -5.85 7.57 -4.53
CA LEU A 212 -5.54 6.17 -4.55
C LEU A 212 -4.88 5.81 -5.87
N GLN A 213 -4.55 6.84 -6.64
CA GLN A 213 -3.94 6.68 -7.95
C GLN A 213 -2.47 6.30 -7.81
N THR A 214 -2.01 5.60 -8.81
CA THR A 214 -0.75 4.94 -8.76
C THR A 214 0.36 5.76 -9.41
N GLY A 215 1.54 5.76 -8.79
CA GLY A 215 2.73 6.36 -9.39
C GLY A 215 3.77 5.29 -9.69
N PRO A 216 4.91 5.66 -10.27
CA PRO A 216 5.95 4.67 -10.58
C PRO A 216 6.81 4.30 -9.36
N THR A 217 6.71 5.07 -8.29
CA THR A 217 7.60 4.91 -7.15
C THR A 217 6.79 5.07 -5.82
N LEU A 218 7.37 5.67 -4.78
CA LEU A 218 6.58 5.96 -3.56
C LEU A 218 5.46 6.88 -4.02
N MET A 219 4.24 6.66 -3.49
CA MET A 219 3.05 7.43 -3.92
C MET A 219 2.22 7.77 -2.67
N VAL A 220 1.28 8.74 -2.74
CA VAL A 220 0.53 9.07 -1.52
C VAL A 220 -0.17 7.86 -0.88
N SER A 221 -0.81 6.96 -1.68
CA SER A 221 -1.42 5.80 -1.02
C SER A 221 -0.42 4.95 -0.18
N ASP A 222 0.85 4.94 -0.54
CA ASP A 222 1.84 4.22 0.25
C ASP A 222 1.92 4.61 1.71
N LEU A 223 1.43 5.81 1.97
CA LEU A 223 1.42 6.37 3.31
C LEU A 223 0.04 6.32 4.06
N PHE A 224 -0.95 5.59 3.54
CA PHE A 224 -2.28 5.60 4.12
C PHE A 224 -2.33 4.42 5.06
N ASP A 225 -3.14 4.46 6.12
CA ASP A 225 -3.22 3.33 7.03
C ASP A 225 -4.59 2.62 6.79
N PHE A 226 -5.50 3.37 6.17
CA PHE A 226 -6.86 2.96 5.83
C PHE A 226 -7.18 3.89 4.67
N SER A 227 -8.04 3.44 3.76
CA SER A 227 -8.59 4.27 2.73
C SER A 227 -10.00 3.84 2.36
N LEU A 228 -10.83 4.83 2.04
CA LEU A 228 -12.24 4.62 1.69
C LEU A 228 -12.42 4.93 0.22
N TYR A 229 -13.18 4.12 -0.51
CA TYR A 229 -13.60 4.52 -1.86
C TYR A 229 -15.14 4.66 -1.96
N VAL A 230 -15.60 5.90 -2.10
CA VAL A 230 -17.05 6.18 -2.19
C VAL A 230 -17.55 5.94 -3.64
N ASP A 231 -18.45 4.98 -3.78
CA ASP A 231 -18.87 4.42 -5.08
C ASP A 231 -20.39 4.44 -5.27
N ALA A 232 -20.82 4.30 -6.52
CA ALA A 232 -22.22 4.37 -6.94
C ALA A 232 -22.26 4.00 -8.42
N ARG A 233 -23.44 3.74 -8.96
CA ARG A 233 -23.54 3.48 -10.39
C ARG A 233 -23.20 4.76 -11.13
N ILE A 234 -22.65 4.61 -12.34
CA ILE A 234 -22.20 5.76 -13.12
C ILE A 234 -23.37 6.71 -13.43
N GLU A 235 -24.50 6.16 -13.90
CA GLU A 235 -25.69 6.94 -14.27
C GLU A 235 -26.20 7.77 -13.09
N ASP A 236 -26.08 7.22 -11.88
CA ASP A 236 -26.50 7.94 -10.69
C ASP A 236 -25.61 9.15 -10.37
N ILE A 237 -24.30 9.01 -10.53
CA ILE A 237 -23.39 10.10 -10.20
C ILE A 237 -23.63 11.26 -11.16
N GLU A 238 -23.80 10.96 -12.44
CA GLU A 238 -24.23 11.96 -13.42
C GLU A 238 -25.47 12.70 -12.90
N GLN A 239 -26.48 11.93 -12.48
CA GLN A 239 -27.67 12.53 -11.88
C GLN A 239 -27.32 13.50 -10.76
N TRP A 240 -26.55 13.05 -9.77
CA TRP A 240 -26.17 13.98 -8.69
C TRP A 240 -25.35 15.13 -9.22
N TYR A 241 -24.59 14.89 -10.28
CA TYR A 241 -23.69 15.92 -10.80
C TYR A 241 -24.47 17.09 -11.44
N VAL A 242 -25.36 16.70 -12.36
CA VAL A 242 -26.31 17.57 -13.05
C VAL A 242 -27.09 18.38 -12.01
N SER A 243 -27.88 17.69 -11.17
CA SER A 243 -28.56 18.35 -10.03
C SER A 243 -27.68 19.39 -9.34
N ARG A 244 -26.47 19.01 -8.97
CA ARG A 244 -25.57 19.92 -8.30
C ARG A 244 -25.35 21.17 -9.15
N PHE A 245 -25.04 20.96 -10.43
CA PHE A 245 -24.80 22.05 -11.37
C PHE A 245 -26.01 23.01 -11.36
N LEU A 246 -27.18 22.53 -11.81
CA LEU A 246 -28.44 23.31 -11.76
C LEU A 246 -28.55 23.97 -10.40
N ALA A 247 -28.46 23.18 -9.34
CA ALA A 247 -28.55 23.71 -7.99
C ALA A 247 -27.50 24.80 -7.69
N MET A 248 -26.49 24.94 -8.54
CA MET A 248 -25.46 25.93 -8.29
C MET A 248 -25.75 27.23 -9.02
N ARG A 249 -26.72 27.17 -9.94
CA ARG A 249 -27.29 28.38 -10.55
C ARG A 249 -27.73 29.35 -9.43
N THR A 250 -28.53 28.82 -8.50
CA THR A 250 -29.06 29.60 -7.40
C THR A 250 -27.96 30.17 -6.50
N THR A 251 -26.89 29.40 -6.31
CA THR A 251 -25.86 29.66 -5.29
C THR A 251 -24.58 30.30 -5.82
N ALA A 252 -23.51 29.50 -5.91
CA ALA A 252 -22.20 30.00 -6.33
C ALA A 252 -22.12 30.58 -7.77
N PHE A 253 -23.02 30.14 -8.65
CA PHE A 253 -23.04 30.65 -10.04
C PHE A 253 -23.63 32.05 -10.14
N ALA A 254 -24.52 32.42 -9.21
CA ALA A 254 -25.19 33.74 -9.22
C ALA A 254 -24.23 34.96 -9.12
N ASP A 255 -23.28 34.91 -8.18
CA ASP A 255 -22.22 35.94 -8.07
C ASP A 255 -21.71 36.37 -9.47
N PRO A 256 -21.82 37.68 -9.80
CA PRO A 256 -21.31 38.18 -11.10
C PRO A 256 -19.78 38.34 -11.19
N GLU A 257 -19.05 37.79 -10.22
CA GLU A 257 -17.58 37.68 -10.29
C GLU A 257 -17.15 36.23 -10.58
N SER A 258 -17.84 35.27 -9.97
CA SER A 258 -17.54 33.83 -10.15
C SER A 258 -17.34 33.44 -11.62
N HIS A 259 -16.37 32.58 -11.85
CA HIS A 259 -15.91 32.20 -13.20
C HIS A 259 -17.03 31.63 -14.10
N PHE A 260 -18.12 31.22 -13.48
CA PHE A 260 -19.23 30.60 -14.21
C PHE A 260 -20.53 31.38 -14.04
N HIS A 261 -20.41 32.69 -13.82
CA HIS A 261 -21.58 33.58 -13.67
C HIS A 261 -22.68 33.34 -14.72
N HIS A 262 -22.26 33.21 -15.98
CA HIS A 262 -23.17 33.17 -17.13
C HIS A 262 -24.20 32.06 -17.03
N TYR A 263 -23.78 30.94 -16.45
CA TYR A 263 -24.59 29.74 -16.35
C TYR A 263 -25.82 29.92 -15.44
N ALA A 264 -25.75 30.87 -14.50
CA ALA A 264 -26.89 31.16 -13.59
C ALA A 264 -28.13 31.78 -14.27
N ALA A 265 -28.14 31.78 -15.60
CA ALA A 265 -29.27 32.28 -16.38
C ALA A 265 -29.79 31.29 -17.45
N PHE A 266 -29.12 30.16 -17.58
CA PHE A 266 -29.59 29.10 -18.48
C PHE A 266 -30.84 28.51 -17.87
N SER A 267 -31.87 28.32 -18.67
CA SER A 267 -33.05 27.65 -18.16
C SER A 267 -32.70 26.20 -17.77
N ASP A 268 -33.50 25.58 -16.92
CA ASP A 268 -33.39 24.15 -16.60
C ASP A 268 -32.87 23.36 -17.80
N SER A 269 -33.62 23.40 -18.90
CA SER A 269 -33.27 22.72 -20.16
C SER A 269 -31.86 23.04 -20.66
N GLN A 270 -31.50 24.32 -20.63
CA GLN A 270 -30.19 24.81 -21.07
C GLN A 270 -29.06 24.30 -20.13
N ALA A 271 -29.35 24.30 -18.84
CA ALA A 271 -28.32 24.02 -17.84
C ALA A 271 -28.08 22.52 -17.71
N VAL A 272 -29.12 21.74 -18.00
CA VAL A 272 -29.06 20.26 -17.98
C VAL A 272 -28.21 19.79 -19.16
N VAL A 273 -28.46 20.37 -20.32
CA VAL A 273 -27.65 20.15 -21.49
C VAL A 273 -26.18 20.45 -21.15
N ALA A 274 -25.92 21.63 -20.60
CA ALA A 274 -24.55 22.03 -20.38
C ALA A 274 -23.87 21.12 -19.36
N ALA A 275 -24.57 20.82 -18.28
CA ALA A 275 -24.06 19.92 -17.27
C ALA A 275 -23.79 18.53 -17.87
N ARG A 276 -24.74 17.98 -18.61
CA ARG A 276 -24.57 16.66 -19.20
C ARG A 276 -23.38 16.64 -20.16
N GLU A 277 -23.27 17.63 -21.04
CA GLU A 277 -22.09 17.76 -21.87
C GLU A 277 -20.79 17.85 -21.01
N ILE A 278 -20.80 18.61 -19.91
CA ILE A 278 -19.56 18.70 -19.08
C ILE A 278 -19.20 17.34 -18.46
N TRP A 279 -20.22 16.60 -18.01
CA TRP A 279 -20.02 15.26 -17.50
C TRP A 279 -19.50 14.39 -18.63
N ARG A 280 -20.38 14.11 -19.59
CA ARG A 280 -20.12 13.28 -20.78
C ARG A 280 -18.69 13.48 -21.36
N THR A 281 -18.09 14.66 -21.18
CA THR A 281 -16.82 14.94 -21.82
C THR A 281 -15.62 15.06 -20.88
N ILE A 282 -15.79 15.63 -19.67
CA ILE A 282 -14.66 15.72 -18.73
C ILE A 282 -14.73 14.68 -17.59
N ASN A 283 -15.81 14.76 -16.80
CA ASN A 283 -15.86 14.01 -15.56
C ASN A 283 -16.18 12.53 -15.70
N ARG A 284 -17.02 12.17 -16.64
CA ARG A 284 -17.30 10.74 -16.81
C ARG A 284 -16.02 10.00 -17.32
N PRO A 285 -15.32 10.62 -18.30
CA PRO A 285 -14.10 10.05 -18.80
C PRO A 285 -13.03 9.98 -17.72
N ASN A 286 -12.90 11.03 -16.89
CA ASN A 286 -11.93 11.04 -15.81
C ASN A 286 -12.24 9.92 -14.84
N LEU A 287 -13.54 9.64 -14.64
CA LEU A 287 -13.96 8.58 -13.75
C LEU A 287 -13.53 7.23 -14.31
N VAL A 288 -13.83 6.99 -15.59
CA VAL A 288 -13.61 5.67 -16.22
C VAL A 288 -12.11 5.33 -16.30
N GLU A 289 -11.31 6.34 -16.60
CA GLU A 289 -9.90 6.23 -16.91
C GLU A 289 -8.99 6.23 -15.69
N ASN A 290 -9.30 7.04 -14.69
CA ASN A 290 -8.35 7.33 -13.61
C ASN A 290 -8.83 7.21 -12.16
N ILE A 291 -10.14 7.22 -11.99
CA ILE A 291 -10.66 7.23 -10.65
C ILE A 291 -11.18 5.82 -10.46
N LEU A 292 -12.03 5.35 -11.37
CA LEU A 292 -12.63 4.01 -11.16
C LEU A 292 -11.63 2.85 -10.98
N PRO A 293 -10.46 2.83 -11.69
CA PRO A 293 -9.49 1.75 -11.42
C PRO A 293 -8.77 1.77 -10.06
N THR A 294 -9.01 2.77 -9.24
CA THR A 294 -8.24 2.86 -8.03
C THR A 294 -9.12 2.24 -6.98
N ARG A 295 -10.34 1.92 -7.41
CA ARG A 295 -11.37 1.47 -6.45
C ARG A 295 -10.96 0.20 -5.71
N PRO A 296 -10.45 -0.80 -6.44
CA PRO A 296 -10.05 -2.01 -5.67
C PRO A 296 -8.85 -1.78 -4.73
N ARG A 297 -8.18 -0.62 -4.82
CA ARG A 297 -7.01 -0.36 -3.96
C ARG A 297 -7.40 0.07 -2.56
N ALA A 298 -8.68 0.30 -2.34
CA ALA A 298 -9.19 0.77 -1.07
C ALA A 298 -9.46 -0.35 -0.11
N THR A 299 -9.18 -0.07 1.17
CA THR A 299 -9.60 -0.98 2.26
C THR A 299 -11.13 -1.09 2.41
N LEU A 300 -11.83 0.00 2.15
CA LEU A 300 -13.29 -0.07 2.20
C LEU A 300 -13.98 0.59 0.99
N VAL A 301 -14.83 -0.17 0.30
CA VAL A 301 -15.70 0.41 -0.73
C VAL A 301 -17.12 0.59 -0.15
N LEU A 302 -17.63 1.81 -0.18
CA LEU A 302 -19.01 2.09 0.20
C LEU A 302 -19.73 2.48 -1.04
N ARG A 303 -20.78 1.74 -1.35
CA ARG A 303 -21.53 1.98 -2.54
C ARG A 303 -22.85 2.68 -2.15
N LYS A 304 -23.30 3.64 -2.95
CA LYS A 304 -24.54 4.38 -2.68
C LYS A 304 -25.65 4.09 -3.66
N ASP A 305 -26.88 4.14 -3.16
CA ASP A 305 -28.08 4.04 -4.00
C ASP A 305 -28.39 5.39 -4.66
N ALA A 306 -29.19 5.35 -5.73
CA ALA A 306 -29.63 6.55 -6.44
C ALA A 306 -30.12 7.67 -5.52
N ASP A 307 -30.55 7.31 -4.33
CA ASP A 307 -31.04 8.30 -3.38
C ASP A 307 -30.02 8.60 -2.28
N HIS A 308 -28.74 8.49 -2.62
CA HIS A 308 -27.64 8.84 -1.69
C HIS A 308 -27.49 7.94 -0.44
N SER A 309 -28.25 6.85 -0.37
CA SER A 309 -28.14 5.98 0.80
C SER A 309 -27.18 4.84 0.46
N ILE A 310 -26.46 4.34 1.48
CA ILE A 310 -25.45 3.32 1.29
C ILE A 310 -26.15 2.00 1.19
N ASN A 311 -25.77 1.20 0.22
CA ASN A 311 -26.40 -0.10 0.07
C ASN A 311 -25.42 -1.27 0.01
N ARG A 312 -24.12 -0.98 0.19
CA ARG A 312 -23.11 -2.03 0.07
C ARG A 312 -21.81 -1.59 0.74
N LEU A 313 -21.31 -2.42 1.67
CA LEU A 313 -19.97 -2.27 2.20
C LEU A 313 -19.16 -3.51 1.85
N ARG A 314 -18.02 -3.24 1.18
CA ARG A 314 -16.93 -4.21 0.97
C ARG A 314 -15.69 -3.84 1.78
N LEU A 315 -15.45 -4.61 2.81
CA LEU A 315 -14.30 -4.36 3.63
C LEU A 315 -13.25 -5.47 3.42
N ARG A 316 -11.98 -5.08 3.53
CA ARG A 316 -10.90 -6.01 3.25
C ARG A 316 -10.74 -6.96 4.42
N LYS A 317 -10.87 -8.26 4.13
CA LYS A 317 -10.69 -9.29 5.16
C LYS A 317 -9.41 -8.98 5.90
N LEU A 318 -9.51 -8.99 7.22
CA LEU A 318 -8.38 -8.74 8.10
C LEU A 318 -7.62 -10.06 8.35
N PRO B 13 13.78 15.93 8.74
CA PRO B 13 12.77 14.93 9.11
C PRO B 13 12.48 13.98 7.94
N SER B 14 12.10 12.74 8.27
CA SER B 14 12.00 11.62 7.30
C SER B 14 10.92 10.63 7.73
N PRO B 15 10.36 9.84 6.79
CA PRO B 15 9.35 8.88 7.23
C PRO B 15 9.96 7.62 7.84
N TYR B 16 11.29 7.61 7.91
CA TYR B 16 12.10 6.48 8.39
C TYR B 16 12.68 6.70 9.77
N VAL B 17 12.70 5.66 10.60
CA VAL B 17 13.66 5.60 11.70
C VAL B 17 14.90 4.86 11.19
N GLU B 18 16.09 5.47 11.37
CA GLU B 18 17.36 4.91 10.86
C GLU B 18 18.35 4.43 11.93
N PHE B 19 18.79 3.20 11.78
CA PHE B 19 19.83 2.66 12.66
C PHE B 19 20.99 2.23 11.78
N ASP B 20 22.21 2.43 12.27
CA ASP B 20 23.36 1.80 11.63
C ASP B 20 23.73 0.64 12.52
N ARG B 21 24.75 -0.10 12.13
CA ARG B 21 25.12 -1.30 12.87
C ARG B 21 25.52 -0.99 14.33
N ARG B 22 26.28 0.08 14.54
CA ARG B 22 26.62 0.47 15.90
C ARG B 22 25.31 0.65 16.67
N GLN B 23 24.52 1.63 16.24
CA GLN B 23 23.25 1.94 16.90
C GLN B 23 22.37 0.72 17.13
N TRP B 24 22.36 -0.20 16.16
CA TRP B 24 21.58 -1.43 16.28
C TRP B 24 22.12 -2.34 17.40
N ARG B 25 23.44 -2.32 17.58
CA ARG B 25 24.09 -3.12 18.62
C ARG B 25 23.84 -2.64 20.06
N ALA B 26 23.71 -1.32 20.24
CA ALA B 26 23.29 -0.74 21.53
C ALA B 26 21.85 -1.17 21.91
N LEU B 27 21.66 -2.47 22.10
CA LEU B 27 20.34 -3.08 22.26
C LEU B 27 19.83 -3.05 23.70
N ARG B 28 18.89 -2.15 23.97
CA ARG B 28 18.08 -2.28 25.17
C ARG B 28 16.85 -3.12 24.82
N MET B 29 17.04 -4.17 24.02
CA MET B 29 15.95 -4.99 23.49
C MET B 29 15.35 -6.00 24.47
N SER B 30 14.16 -5.65 24.99
CA SER B 30 13.60 -6.10 26.28
C SER B 30 13.28 -7.60 26.47
N THR B 31 13.57 -8.42 25.46
CA THR B 31 13.48 -9.88 25.57
C THR B 31 14.79 -10.54 25.15
N PRO B 32 15.25 -11.55 25.91
CA PRO B 32 16.38 -12.36 25.43
C PRO B 32 16.13 -13.00 24.06
N LEU B 33 15.05 -13.78 23.94
CA LEU B 33 14.78 -14.62 22.74
C LEU B 33 15.85 -15.70 22.58
N ALA B 34 15.58 -16.88 23.13
CA ALA B 34 16.63 -17.91 23.25
C ALA B 34 16.76 -18.79 22.00
N LEU B 35 17.87 -18.63 21.28
CA LEU B 35 18.18 -19.51 20.12
C LEU B 35 18.79 -20.86 20.54
N THR B 36 18.01 -21.91 20.35
CA THR B 36 18.39 -23.28 20.72
C THR B 36 19.55 -23.77 19.85
N GLU B 37 20.22 -24.83 20.31
CA GLU B 37 21.39 -25.39 19.62
C GLU B 37 21.07 -25.97 18.25
N GLU B 38 19.87 -26.53 18.11
CA GLU B 38 19.44 -27.22 16.89
C GLU B 38 19.23 -26.24 15.74
N GLU B 39 18.30 -25.31 15.94
CA GLU B 39 18.03 -24.26 14.98
C GLU B 39 19.28 -23.39 14.73
N LEU B 40 20.15 -23.23 15.72
CA LEU B 40 21.38 -22.42 15.57
C LEU B 40 22.45 -22.98 14.63
N VAL B 41 22.41 -24.29 14.38
CA VAL B 41 23.31 -24.92 13.41
C VAL B 41 22.47 -25.56 12.29
N GLY B 42 21.15 -25.50 12.46
CA GLY B 42 20.21 -25.74 11.37
C GLY B 42 20.04 -24.48 10.51
N LEU B 43 20.31 -23.32 11.12
CA LEU B 43 20.36 -22.04 10.42
C LEU B 43 21.68 -21.92 9.68
N ARG B 44 22.33 -23.06 9.49
CA ARG B 44 23.49 -23.15 8.64
C ARG B 44 23.05 -23.60 7.26
N GLY B 45 22.22 -24.64 7.21
CA GLY B 45 21.78 -25.27 5.95
C GLY B 45 21.18 -24.33 4.91
N LEU B 46 21.07 -23.06 5.28
CA LEU B 46 20.42 -22.05 4.46
C LEU B 46 21.19 -20.73 4.54
N GLY B 47 22.28 -20.61 3.78
CA GLY B 47 23.03 -19.35 3.81
C GLY B 47 24.43 -19.26 3.23
N GLU B 48 25.42 -19.57 4.06
CA GLU B 48 26.85 -19.26 3.80
C GLU B 48 27.12 -17.75 3.81
N GLN B 49 26.16 -16.99 3.28
CA GLN B 49 26.17 -15.53 3.30
C GLN B 49 25.28 -15.00 4.44
N ILE B 50 25.45 -15.62 5.61
CA ILE B 50 24.97 -15.16 6.93
C ILE B 50 25.81 -15.81 8.02
N ASP B 51 26.52 -14.98 8.80
CA ASP B 51 27.16 -15.49 10.01
C ASP B 51 26.04 -16.01 10.88
N LEU B 52 26.41 -16.73 11.92
CA LEU B 52 25.45 -16.93 13.00
C LEU B 52 25.35 -15.64 13.82
N LEU B 53 26.38 -14.80 13.76
CA LEU B 53 26.33 -13.46 14.33
C LEU B 53 25.13 -12.68 13.81
N GLU B 54 25.11 -12.42 12.49
CA GLU B 54 24.05 -11.72 11.80
C GLU B 54 22.68 -12.26 12.20
N VAL B 55 22.55 -13.55 12.32
CA VAL B 55 21.29 -14.09 12.71
C VAL B 55 20.97 -13.61 14.14
N GLU B 56 21.88 -13.88 15.06
CA GLU B 56 21.64 -13.56 16.44
C GLU B 56 21.44 -12.07 16.58
N GLU B 57 22.27 -11.27 15.90
CA GLU B 57 22.33 -9.83 16.21
C GLU B 57 21.36 -8.99 15.43
N VAL B 58 20.90 -9.49 14.27
CA VAL B 58 20.05 -8.70 13.38
C VAL B 58 18.74 -9.43 13.06
N TYR B 59 18.86 -10.58 12.41
CA TYR B 59 17.67 -11.25 11.92
C TYR B 59 16.70 -11.62 13.01
N LEU B 60 17.23 -11.99 14.17
CA LEU B 60 16.41 -12.37 15.30
C LEU B 60 15.63 -11.15 15.87
N PRO B 61 16.32 -10.03 16.16
CA PRO B 61 15.54 -8.83 16.46
C PRO B 61 14.52 -8.41 15.38
N LEU B 62 14.88 -8.50 14.10
CA LEU B 62 13.94 -8.16 13.04
C LEU B 62 12.66 -8.98 13.09
N ALA B 63 12.83 -10.26 13.31
CA ALA B 63 11.71 -11.16 13.28
C ALA B 63 10.85 -10.96 14.51
N ARG B 64 11.44 -10.38 15.55
CA ARG B 64 10.66 -10.10 16.73
C ARG B 64 9.77 -8.93 16.37
N LEU B 65 10.39 -7.94 15.75
CA LEU B 65 9.73 -6.75 15.30
C LEU B 65 8.56 -7.03 14.35
N ILE B 66 8.68 -8.06 13.52
CA ILE B 66 7.61 -8.43 12.60
C ILE B 66 6.54 -9.20 13.39
N HIS B 67 7.00 -10.03 14.33
CA HIS B 67 6.06 -10.71 15.19
C HIS B 67 5.02 -9.74 15.78
N LEU B 68 5.45 -8.53 16.14
CA LEU B 68 4.60 -7.62 16.87
C LEU B 68 3.49 -7.14 15.95
N GLN B 69 3.83 -6.95 14.69
CA GLN B 69 2.87 -6.63 13.66
C GLN B 69 1.97 -7.80 13.31
N VAL B 70 2.52 -9.00 13.12
CA VAL B 70 1.64 -10.15 12.86
C VAL B 70 0.65 -10.34 14.02
N ALA B 71 1.17 -10.35 15.24
CA ALA B 71 0.35 -10.49 16.44
C ALA B 71 -0.72 -9.40 16.49
N ALA B 72 -0.34 -8.15 16.22
CA ALA B 72 -1.28 -7.03 16.32
C ALA B 72 -2.40 -7.15 15.31
N ARG B 73 -2.04 -7.61 14.11
CA ARG B 73 -2.98 -7.80 13.01
C ARG B 73 -3.94 -8.93 13.30
N GLN B 74 -3.50 -9.88 14.13
CA GLN B 74 -4.34 -10.99 14.55
C GLN B 74 -5.37 -10.56 15.61
N ARG B 75 -4.94 -9.67 16.53
CA ARG B 75 -5.82 -9.14 17.55
C ARG B 75 -6.86 -8.27 16.86
N LEU B 76 -6.41 -7.48 15.89
CA LEU B 76 -7.27 -6.56 15.22
C LEU B 76 -8.36 -7.33 14.49
N PHE B 77 -7.99 -8.46 13.91
CA PHE B 77 -8.96 -9.29 13.23
C PHE B 77 -10.05 -9.65 14.22
N ALA B 78 -9.62 -10.15 15.40
CA ALA B 78 -10.56 -10.66 16.40
C ALA B 78 -11.47 -9.57 16.89
N ALA B 79 -10.87 -8.44 17.28
CA ALA B 79 -11.60 -7.31 17.86
C ALA B 79 -12.59 -6.74 16.87
N THR B 80 -12.28 -6.89 15.58
CA THR B 80 -13.17 -6.53 14.51
C THR B 80 -14.34 -7.52 14.40
N ALA B 81 -14.02 -8.83 14.39
CA ALA B 81 -15.03 -9.89 14.31
C ALA B 81 -16.01 -9.76 15.46
N GLU B 82 -15.47 -9.63 16.66
CA GLU B 82 -16.34 -9.58 17.79
C GLU B 82 -17.14 -8.26 17.75
N PHE B 83 -16.58 -7.21 17.14
CA PHE B 83 -17.33 -5.95 17.00
C PHE B 83 -18.48 -6.07 16.00
N LEU B 84 -18.21 -6.63 14.83
CA LEU B 84 -19.26 -6.98 13.86
C LEU B 84 -20.22 -8.05 14.39
N GLY B 85 -19.95 -8.58 15.58
CA GLY B 85 -20.78 -9.66 16.15
C GLY B 85 -20.62 -11.01 15.46
N GLU B 86 -19.41 -11.30 14.98
CA GLU B 86 -19.08 -12.63 14.44
C GLU B 86 -20.02 -13.14 13.33
N PRO B 87 -20.31 -12.28 12.33
CA PRO B 87 -21.29 -12.61 11.29
C PRO B 87 -20.85 -13.74 10.36
N GLN B 88 -21.84 -14.44 9.81
CA GLN B 88 -21.62 -15.52 8.86
C GLN B 88 -20.54 -15.20 7.81
N GLN B 89 -20.67 -14.07 7.13
CA GLN B 89 -19.80 -13.72 5.96
C GLN B 89 -18.31 -13.38 6.28
N ASN B 90 -18.06 -12.88 7.49
CA ASN B 90 -16.69 -12.71 8.01
C ASN B 90 -15.95 -14.05 8.22
N PRO B 91 -14.67 -14.16 7.78
CA PRO B 91 -13.95 -15.42 8.06
C PRO B 91 -13.75 -15.74 9.53
N ASP B 92 -13.47 -17.02 9.81
CA ASP B 92 -13.26 -17.53 11.18
C ASP B 92 -11.93 -17.06 11.79
N ARG B 93 -10.94 -16.90 10.93
CA ARG B 93 -9.57 -16.67 11.35
C ARG B 93 -8.98 -15.53 10.51
N PRO B 94 -7.93 -14.90 11.03
CA PRO B 94 -7.24 -13.90 10.21
C PRO B 94 -6.73 -14.54 8.94
N VAL B 95 -6.70 -13.76 7.87
CA VAL B 95 -6.10 -14.16 6.61
C VAL B 95 -4.56 -14.18 6.77
N PRO B 96 -3.86 -14.83 5.83
CA PRO B 96 -2.42 -14.89 5.81
C PRO B 96 -1.79 -13.49 5.82
N PHE B 97 -0.94 -13.23 6.79
CA PHE B 97 -0.10 -12.02 6.80
C PHE B 97 1.04 -12.18 5.78
N ILE B 98 1.14 -11.26 4.82
CA ILE B 98 2.03 -11.48 3.70
C ILE B 98 3.19 -10.47 3.65
N ILE B 99 4.41 -11.02 3.53
CA ILE B 99 5.61 -10.26 3.58
C ILE B 99 6.29 -10.34 2.23
N GLY B 100 6.58 -9.18 1.66
CA GLY B 100 7.33 -9.08 0.41
C GLY B 100 8.80 -8.87 0.69
N VAL B 101 9.65 -9.46 -0.16
CA VAL B 101 11.10 -9.26 -0.07
C VAL B 101 11.65 -8.84 -1.45
N ALA B 102 12.30 -7.67 -1.55
CA ALA B 102 12.75 -7.19 -2.84
C ALA B 102 14.23 -6.88 -2.85
N GLY B 103 14.77 -6.66 -4.04
CA GLY B 103 16.18 -6.36 -4.19
C GLY B 103 16.64 -6.98 -5.48
N SER B 104 17.76 -6.48 -5.95
CA SER B 104 18.54 -7.03 -7.04
C SER B 104 18.87 -8.52 -6.98
N VAL B 105 18.94 -9.15 -8.16
CA VAL B 105 19.56 -10.46 -8.33
C VAL B 105 20.89 -10.39 -7.62
N ALA B 106 21.29 -11.45 -6.91
CA ALA B 106 22.60 -11.52 -6.20
C ALA B 106 22.70 -10.87 -4.81
N VAL B 107 21.59 -10.33 -4.29
CA VAL B 107 21.65 -9.57 -3.07
C VAL B 107 21.34 -10.46 -1.88
N GLY B 108 20.81 -11.65 -2.11
CA GLY B 108 20.49 -12.57 -1.02
C GLY B 108 19.06 -12.56 -0.51
N LYS B 109 18.13 -12.12 -1.37
CA LYS B 109 16.71 -12.15 -1.06
C LYS B 109 16.32 -13.54 -0.59
N SER B 110 16.84 -14.58 -1.22
CA SER B 110 16.39 -15.96 -0.91
C SER B 110 16.80 -16.37 0.51
N THR B 111 18.03 -15.98 0.81
CA THR B 111 18.65 -16.29 2.07
C THR B 111 17.89 -15.54 3.18
N THR B 112 17.76 -14.21 3.02
CA THR B 112 17.01 -13.38 3.97
C THR B 112 15.61 -13.92 4.20
N ALA B 113 14.98 -14.24 3.07
CA ALA B 113 13.67 -14.88 3.07
C ALA B 113 13.68 -16.20 3.79
N ARG B 114 14.64 -17.08 3.49
CA ARG B 114 14.72 -18.34 4.24
C ARG B 114 15.02 -18.13 5.73
N VAL B 115 15.90 -17.18 6.07
CA VAL B 115 16.11 -16.91 7.48
C VAL B 115 14.83 -16.45 8.20
N LEU B 116 14.01 -15.63 7.56
CA LEU B 116 12.82 -15.12 8.23
C LEU B 116 11.75 -16.21 8.45
N GLN B 117 11.54 -16.99 7.41
CA GLN B 117 10.59 -18.09 7.51
C GLN B 117 10.95 -18.92 8.69
N ALA B 118 12.26 -19.25 8.80
CA ALA B 118 12.86 -20.01 9.92
C ALA B 118 12.56 -19.39 11.27
N LEU B 119 12.89 -18.10 11.40
CA LEU B 119 12.66 -17.46 12.66
C LEU B 119 11.17 -17.27 12.98
N LEU B 120 10.45 -16.63 12.06
CA LEU B 120 9.02 -16.28 12.33
C LEU B 120 8.18 -17.51 12.66
N ALA B 121 8.49 -18.67 12.06
CA ALA B 121 7.75 -19.93 12.40
C ALA B 121 7.94 -20.39 13.86
N ARG B 122 8.85 -19.73 14.57
CA ARG B 122 9.14 -20.12 15.96
C ARG B 122 8.08 -19.73 16.99
N TRP B 123 7.28 -18.70 16.71
CA TRP B 123 6.19 -18.36 17.64
C TRP B 123 4.99 -19.25 17.40
N ASP B 124 4.27 -19.55 18.49
CA ASP B 124 3.03 -20.32 18.48
C ASP B 124 1.84 -19.63 17.82
N HIS B 125 1.84 -18.29 17.91
CA HIS B 125 0.86 -17.43 17.21
C HIS B 125 0.80 -17.66 15.70
N HIS B 126 1.94 -18.01 15.11
CA HIS B 126 2.03 -18.16 13.66
C HIS B 126 3.14 -19.18 13.33
N PRO B 127 2.85 -20.49 13.54
CA PRO B 127 3.85 -21.53 13.32
C PRO B 127 3.97 -21.95 11.86
N ARG B 128 2.89 -21.78 11.08
CA ARG B 128 2.92 -22.13 9.66
C ARG B 128 3.26 -20.90 8.77
N VAL B 129 4.42 -20.95 8.14
CA VAL B 129 5.02 -19.85 7.43
C VAL B 129 5.54 -20.29 6.06
N ASP B 130 4.87 -19.92 4.96
CA ASP B 130 5.32 -20.34 3.64
C ASP B 130 6.24 -19.39 2.96
N LEU B 131 6.95 -19.87 1.93
CA LEU B 131 7.85 -19.01 1.17
C LEU B 131 7.65 -19.27 -0.31
N VAL B 132 7.36 -18.22 -1.09
CA VAL B 132 7.13 -18.36 -2.54
C VAL B 132 8.00 -17.37 -3.26
N THR B 133 8.51 -17.82 -4.39
CA THR B 133 9.35 -16.98 -5.18
C THR B 133 8.66 -16.54 -6.47
N THR B 134 8.86 -15.29 -6.88
CA THR B 134 8.11 -14.87 -8.03
C THR B 134 8.75 -15.43 -9.27
N ASP B 135 9.94 -16.01 -9.12
CA ASP B 135 10.59 -16.74 -10.21
C ASP B 135 9.59 -17.60 -10.96
N GLY B 136 8.77 -18.34 -10.21
CA GLY B 136 7.76 -19.21 -10.78
C GLY B 136 6.63 -18.55 -11.56
N PHE B 137 6.71 -17.21 -11.69
CA PHE B 137 5.67 -16.45 -12.38
C PHE B 137 6.28 -15.73 -13.55
N LEU B 138 7.52 -16.09 -13.86
CA LEU B 138 8.11 -15.73 -15.15
C LEU B 138 7.39 -16.49 -16.27
N TYR B 139 7.29 -15.90 -17.45
CA TYR B 139 6.68 -16.66 -18.55
C TYR B 139 7.64 -17.79 -18.95
N PRO B 140 7.11 -19.01 -19.22
CA PRO B 140 7.95 -20.07 -19.76
C PRO B 140 8.71 -19.58 -20.95
N ASN B 141 9.85 -20.20 -21.21
CA ASN B 141 10.73 -19.77 -22.29
C ASN B 141 10.07 -19.75 -23.67
N ALA B 142 9.16 -20.69 -23.92
CA ALA B 142 8.34 -20.65 -25.13
C ALA B 142 7.66 -19.28 -25.25
N GLU B 143 6.91 -18.91 -24.21
CA GLU B 143 6.20 -17.64 -24.15
C GLU B 143 7.10 -16.42 -24.33
N LEU B 144 8.19 -16.34 -23.58
CA LEU B 144 9.10 -15.19 -23.67
C LEU B 144 9.52 -14.92 -25.10
N GLN B 145 9.70 -16.03 -25.81
CA GLN B 145 10.23 -16.05 -27.16
C GLN B 145 9.16 -15.62 -28.16
N ARG B 146 7.99 -16.23 -28.02
CA ARG B 146 6.79 -15.82 -28.73
C ARG B 146 6.56 -14.31 -28.60
N ARG B 147 6.89 -13.76 -27.42
CA ARG B 147 6.73 -12.32 -27.14
C ARG B 147 7.99 -11.47 -27.35
N ASN B 148 9.04 -12.04 -27.95
CA ASN B 148 10.34 -11.32 -28.10
C ASN B 148 10.90 -10.73 -26.79
N LEU B 149 10.83 -11.49 -25.71
CA LEU B 149 11.21 -10.99 -24.38
C LEU B 149 12.41 -11.72 -23.68
N MET B 150 12.97 -12.73 -24.35
CA MET B 150 14.18 -13.40 -23.87
C MET B 150 15.27 -12.46 -23.37
N HIS B 151 15.58 -11.41 -24.10
CA HIS B 151 16.59 -10.47 -23.65
C HIS B 151 16.21 -9.68 -22.37
N ARG B 152 15.02 -9.94 -21.85
CA ARG B 152 14.43 -9.08 -20.84
C ARG B 152 13.87 -9.90 -19.67
N LYS B 153 14.34 -11.13 -19.53
CA LYS B 153 13.95 -11.99 -18.41
C LYS B 153 14.42 -11.32 -17.11
N GLY B 154 13.52 -11.20 -16.14
CA GLY B 154 13.81 -10.41 -14.94
C GLY B 154 13.15 -9.05 -15.01
N PHE B 155 12.88 -8.58 -16.22
CA PHE B 155 12.14 -7.33 -16.38
C PHE B 155 10.65 -7.51 -16.04
N PRO B 156 9.95 -6.42 -15.72
CA PRO B 156 8.56 -6.54 -15.26
C PRO B 156 7.65 -7.30 -16.23
N GLU B 157 7.70 -6.98 -17.53
CA GLU B 157 6.91 -7.64 -18.57
C GLU B 157 7.25 -9.12 -18.71
N SER B 158 8.31 -9.58 -18.06
CA SER B 158 8.80 -10.94 -18.32
C SER B 158 8.02 -11.95 -17.49
N TYR B 159 7.03 -11.44 -16.76
CA TYR B 159 6.27 -12.21 -15.77
C TYR B 159 4.87 -12.18 -16.18
N ASN B 160 4.14 -13.22 -15.83
CA ASN B 160 2.69 -13.21 -15.88
C ASN B 160 2.15 -12.43 -14.68
N ARG B 161 2.13 -11.11 -14.78
CA ARG B 161 1.66 -10.25 -13.70
C ARG B 161 0.24 -10.56 -13.28
N ARG B 162 -0.59 -11.03 -14.22
CA ARG B 162 -2.00 -11.36 -13.88
C ARG B 162 -2.13 -12.63 -13.03
N ALA B 163 -1.51 -13.71 -13.48
CA ALA B 163 -1.42 -14.97 -12.72
C ALA B 163 -0.87 -14.73 -11.29
N LEU B 164 0.17 -13.90 -11.21
CA LEU B 164 0.78 -13.53 -9.91
C LEU B 164 -0.21 -12.76 -9.03
N MET B 165 -0.86 -11.72 -9.56
CA MET B 165 -1.99 -11.09 -8.84
C MET B 165 -3.10 -12.09 -8.46
N ARG B 166 -3.51 -12.98 -9.37
CA ARG B 166 -4.55 -13.98 -9.00
C ARG B 166 -4.10 -14.79 -7.78
N PHE B 167 -2.87 -15.28 -7.85
CA PHE B 167 -2.29 -16.06 -6.76
C PHE B 167 -2.32 -15.24 -5.49
N VAL B 168 -1.61 -14.11 -5.45
CA VAL B 168 -1.57 -13.39 -4.16
C VAL B 168 -2.96 -13.00 -3.63
N THR B 169 -3.81 -12.48 -4.53
CA THR B 169 -5.20 -12.20 -4.21
C THR B 169 -5.92 -13.44 -3.65
N SER B 170 -5.79 -14.57 -4.36
CA SER B 170 -6.35 -15.80 -3.82
C SER B 170 -5.84 -16.10 -2.41
N VAL B 171 -4.56 -15.93 -2.15
CA VAL B 171 -4.07 -16.15 -0.79
C VAL B 171 -4.64 -15.15 0.20
N LYS B 172 -4.77 -13.89 -0.17
CA LYS B 172 -5.16 -12.85 0.80
C LYS B 172 -6.66 -12.90 0.94
N SER B 173 -7.31 -13.64 0.03
CA SER B 173 -8.73 -14.00 0.15
C SER B 173 -9.10 -15.04 1.18
N GLY B 174 -8.10 -15.65 1.83
CA GLY B 174 -8.35 -16.69 2.85
C GLY B 174 -8.76 -18.03 2.24
N SER B 175 -8.28 -18.30 1.02
CA SER B 175 -8.53 -19.54 0.36
C SER B 175 -7.81 -20.66 1.08
N ASP B 176 -8.49 -21.80 1.19
CA ASP B 176 -7.91 -23.02 1.71
C ASP B 176 -6.75 -23.50 0.82
N TYR B 177 -6.81 -23.22 -0.48
CA TYR B 177 -5.64 -23.49 -1.33
C TYR B 177 -5.43 -22.55 -2.51
N ALA B 178 -4.16 -22.52 -2.96
CA ALA B 178 -3.65 -21.54 -3.90
C ALA B 178 -2.31 -22.07 -4.30
N CYS B 179 -2.09 -22.17 -5.60
CA CYS B 179 -0.80 -22.66 -6.03
C CYS B 179 -0.15 -21.81 -7.07
N ALA B 180 1.15 -21.94 -7.15
CA ALA B 180 1.98 -21.09 -7.96
C ALA B 180 2.85 -22.03 -8.77
N PRO B 181 3.20 -21.65 -10.01
CA PRO B 181 4.14 -22.52 -10.72
C PRO B 181 5.55 -22.52 -10.10
N VAL B 182 6.42 -23.34 -10.65
CA VAL B 182 7.76 -23.54 -10.12
C VAL B 182 8.72 -23.23 -11.24
N TYR B 183 9.74 -22.45 -10.90
CA TYR B 183 10.77 -22.08 -11.85
C TYR B 183 11.97 -22.96 -11.57
N SER B 184 12.76 -23.25 -12.59
CA SER B 184 14.02 -24.00 -12.41
C SER B 184 15.21 -23.15 -12.80
N HIS B 185 16.10 -22.87 -11.85
CA HIS B 185 17.30 -22.15 -12.20
C HIS B 185 18.37 -22.98 -13.01
N LEU B 186 18.40 -24.30 -12.80
CA LEU B 186 19.22 -25.20 -13.63
C LEU B 186 18.80 -25.18 -15.10
N HIS B 187 17.51 -25.35 -15.34
CA HIS B 187 16.99 -25.41 -16.70
C HIS B 187 16.63 -24.02 -17.29
N TYR B 188 16.74 -22.95 -16.48
CA TYR B 188 16.43 -21.58 -16.90
C TYR B 188 15.04 -21.53 -17.50
N ASP B 189 14.06 -22.06 -16.77
CA ASP B 189 12.74 -22.24 -17.33
C ASP B 189 11.73 -22.72 -16.28
N ILE B 190 10.46 -22.48 -16.56
CA ILE B 190 9.40 -23.03 -15.74
C ILE B 190 9.45 -24.53 -15.95
N ILE B 191 9.37 -25.27 -14.85
CA ILE B 191 9.15 -26.73 -14.88
C ILE B 191 7.68 -27.05 -15.19
N PRO B 192 7.44 -27.71 -16.34
CA PRO B 192 6.08 -28.08 -16.77
C PRO B 192 5.34 -28.95 -15.76
N GLY B 193 4.07 -28.62 -15.52
CA GLY B 193 3.24 -29.44 -14.64
C GLY B 193 3.55 -29.31 -13.17
N ALA B 194 4.74 -28.79 -12.86
CA ALA B 194 5.17 -28.55 -11.47
C ALA B 194 4.43 -27.40 -10.80
N GLU B 195 4.05 -27.62 -9.54
CA GLU B 195 3.27 -26.63 -8.79
C GLU B 195 3.48 -26.71 -7.28
N GLN B 196 3.74 -25.57 -6.64
CA GLN B 196 3.74 -25.45 -5.16
C GLN B 196 2.33 -25.14 -4.63
N VAL B 197 1.88 -25.84 -3.60
CA VAL B 197 0.55 -25.58 -3.04
C VAL B 197 0.69 -24.78 -1.75
N VAL B 198 -0.03 -23.65 -1.66
CA VAL B 198 -0.08 -22.89 -0.42
C VAL B 198 -1.44 -23.09 0.26
N ARG B 199 -1.40 -23.41 1.56
CA ARG B 199 -2.58 -23.87 2.31
C ARG B 199 -2.93 -22.95 3.47
N HIS B 200 -3.50 -21.79 3.14
CA HIS B 200 -3.75 -20.77 4.16
C HIS B 200 -2.63 -20.67 5.24
N PRO B 201 -1.39 -20.50 4.83
CA PRO B 201 -0.42 -20.30 5.92
C PRO B 201 -0.73 -19.13 6.86
N ASP B 202 -0.17 -19.14 8.06
CA ASP B 202 -0.27 -17.95 8.95
C ASP B 202 0.44 -16.73 8.32
N ILE B 203 1.63 -16.96 7.76
CA ILE B 203 2.48 -15.94 7.13
C ILE B 203 2.97 -16.53 5.84
N LEU B 204 2.98 -15.70 4.82
CA LEU B 204 3.50 -16.07 3.55
C LEU B 204 4.55 -15.04 3.23
N ILE B 205 5.77 -15.48 2.93
CA ILE B 205 6.79 -14.58 2.48
C ILE B 205 6.80 -14.80 1.00
N LEU B 206 6.75 -13.67 0.27
CA LEU B 206 6.74 -13.63 -1.17
C LEU B 206 7.99 -12.86 -1.58
N GLU B 207 8.84 -13.54 -2.36
CA GLU B 207 10.16 -13.07 -2.68
C GLU B 207 10.32 -13.00 -4.16
N GLY B 208 10.99 -11.97 -4.62
CA GLY B 208 11.17 -11.73 -6.04
C GLY B 208 11.68 -10.31 -6.24
N LEU B 209 12.39 -10.11 -7.34
CA LEU B 209 12.80 -8.79 -7.84
C LEU B 209 11.64 -7.78 -7.95
N ASN B 210 10.45 -8.29 -8.25
CA ASN B 210 9.39 -7.46 -8.73
C ASN B 210 8.33 -7.16 -7.72
N VAL B 211 8.42 -7.78 -6.54
CA VAL B 211 7.30 -7.80 -5.59
C VAL B 211 6.78 -6.42 -5.18
N LEU B 212 7.60 -5.37 -5.34
CA LEU B 212 7.29 -4.03 -4.90
C LEU B 212 7.17 -3.08 -6.06
N GLN B 213 7.10 -3.63 -7.27
CA GLN B 213 6.79 -2.88 -8.44
C GLN B 213 5.35 -2.40 -8.50
N THR B 214 5.20 -1.30 -9.23
CA THR B 214 4.00 -0.46 -9.28
C THR B 214 3.14 -0.84 -10.50
N GLY B 215 1.84 -0.58 -10.44
CA GLY B 215 0.98 -0.90 -11.58
C GLY B 215 -0.12 0.11 -11.72
N PRO B 216 -0.75 0.17 -12.89
CA PRO B 216 -1.84 1.14 -13.07
C PRO B 216 -3.04 0.91 -12.11
N THR B 217 -3.19 -0.30 -11.61
CA THR B 217 -4.39 -0.67 -10.85
C THR B 217 -3.97 -1.31 -9.53
N LEU B 218 -4.55 -2.46 -9.20
CA LEU B 218 -4.00 -3.24 -8.10
C LEU B 218 -2.63 -3.77 -8.52
N MET B 219 -1.79 -3.96 -7.52
CA MET B 219 -0.44 -4.47 -7.67
C MET B 219 -0.27 -5.46 -6.54
N VAL B 220 0.75 -6.32 -6.61
CA VAL B 220 0.87 -7.33 -5.57
C VAL B 220 1.14 -6.64 -4.25
N SER B 221 1.82 -5.48 -4.26
CA SER B 221 2.22 -4.86 -2.96
C SER B 221 1.05 -4.28 -2.19
N ASP B 222 -0.05 -4.02 -2.87
CA ASP B 222 -1.29 -3.63 -2.17
C ASP B 222 -1.78 -4.73 -1.27
N LEU B 223 -1.22 -5.91 -1.43
CA LEU B 223 -1.68 -6.96 -0.55
C LEU B 223 -0.64 -7.34 0.51
N PHE B 224 0.32 -6.46 0.74
CA PHE B 224 1.41 -6.79 1.66
C PHE B 224 1.16 -6.16 3.02
N ASP B 225 1.40 -6.93 4.06
CA ASP B 225 1.22 -6.42 5.39
C ASP B 225 2.51 -5.81 5.86
N PHE B 226 3.59 -6.23 5.21
CA PHE B 226 4.93 -5.79 5.54
C PHE B 226 5.78 -6.19 4.33
N SER B 227 6.88 -5.50 4.15
CA SER B 227 7.77 -5.75 3.02
C SER B 227 9.17 -5.29 3.39
N LEU B 228 10.20 -5.97 2.85
CA LEU B 228 11.61 -5.67 3.05
C LEU B 228 12.29 -5.42 1.74
N TYR B 229 13.25 -4.50 1.71
CA TYR B 229 14.07 -4.42 0.53
C TYR B 229 15.51 -4.63 0.92
N VAL B 230 16.12 -5.68 0.38
CA VAL B 230 17.54 -5.92 0.62
C VAL B 230 18.39 -5.06 -0.31
N ASP B 231 19.22 -4.21 0.31
CA ASP B 231 19.99 -3.17 -0.39
C ASP B 231 21.51 -3.33 -0.24
N ALA B 232 22.24 -2.87 -1.26
CA ALA B 232 23.69 -2.69 -1.14
C ALA B 232 24.16 -1.68 -2.14
N ARG B 233 25.30 -1.04 -1.87
CA ARG B 233 26.00 -0.28 -2.91
C ARG B 233 25.99 -1.14 -4.18
N ILE B 234 25.84 -0.49 -5.32
CA ILE B 234 25.69 -1.17 -6.61
C ILE B 234 26.97 -1.90 -7.10
N GLU B 235 28.14 -1.36 -6.80
CA GLU B 235 29.40 -2.04 -7.08
C GLU B 235 29.50 -3.32 -6.28
N ASP B 236 28.97 -3.31 -5.07
CA ASP B 236 29.08 -4.45 -4.17
C ASP B 236 28.18 -5.61 -4.57
N ILE B 237 27.03 -5.30 -5.17
CA ILE B 237 26.12 -6.34 -5.67
C ILE B 237 26.74 -6.96 -6.91
N GLU B 238 27.39 -6.13 -7.73
CA GLU B 238 28.07 -6.63 -8.92
C GLU B 238 29.13 -7.65 -8.50
N GLN B 239 29.92 -7.29 -7.51
CA GLN B 239 30.91 -8.19 -6.94
C GLN B 239 30.30 -9.52 -6.50
N TRP B 240 29.15 -9.51 -5.81
CA TRP B 240 28.49 -10.80 -5.45
C TRP B 240 27.94 -11.54 -6.67
N TYR B 241 27.62 -10.78 -7.72
CA TYR B 241 27.01 -11.35 -8.90
C TYR B 241 28.02 -12.26 -9.60
N VAL B 242 29.10 -11.64 -10.05
CA VAL B 242 30.28 -12.34 -10.55
C VAL B 242 30.66 -13.63 -9.78
N SER B 243 30.84 -13.51 -8.46
CA SER B 243 31.33 -14.63 -7.67
C SER B 243 30.36 -15.78 -7.68
N ARG B 244 29.07 -15.48 -7.71
CA ARG B 244 28.08 -16.55 -7.79
C ARG B 244 28.15 -17.24 -9.16
N PHE B 245 28.50 -16.45 -10.17
CA PHE B 245 28.57 -16.93 -11.53
C PHE B 245 29.80 -17.87 -11.69
N LEU B 246 30.95 -17.44 -11.17
CA LEU B 246 32.16 -18.29 -11.17
C LEU B 246 31.99 -19.58 -10.37
N ALA B 247 31.30 -19.50 -9.23
CA ALA B 247 31.02 -20.67 -8.40
C ALA B 247 30.11 -21.67 -9.13
N MET B 248 29.19 -21.15 -9.95
CA MET B 248 28.26 -21.98 -10.70
C MET B 248 28.96 -22.84 -11.73
N ARG B 249 30.17 -22.40 -12.12
CA ARG B 249 31.02 -23.13 -13.05
C ARG B 249 31.30 -24.53 -12.52
N THR B 250 31.57 -24.60 -11.22
CA THR B 250 31.68 -25.84 -10.46
C THR B 250 30.34 -26.57 -10.35
N THR B 251 29.31 -25.85 -9.92
CA THR B 251 28.01 -26.48 -9.62
C THR B 251 27.08 -26.53 -10.82
N ALA B 252 26.08 -25.64 -10.79
CA ALA B 252 25.00 -25.61 -11.76
C ALA B 252 25.45 -25.70 -13.21
N PHE B 253 26.46 -24.92 -13.60
CA PHE B 253 26.97 -24.95 -15.00
C PHE B 253 27.58 -26.29 -15.43
N ALA B 254 28.35 -26.91 -14.52
CA ALA B 254 28.90 -28.26 -14.71
C ALA B 254 27.86 -29.25 -15.22
N ASP B 255 26.69 -29.29 -14.57
CA ASP B 255 25.57 -30.16 -14.97
C ASP B 255 25.28 -30.00 -16.48
N PRO B 256 25.39 -31.11 -17.25
CA PRO B 256 25.22 -31.11 -18.72
C PRO B 256 23.82 -30.73 -19.18
N GLU B 257 22.88 -30.81 -18.24
CA GLU B 257 21.48 -30.44 -18.44
C GLU B 257 21.23 -28.91 -18.27
N SER B 258 22.26 -28.17 -17.83
CA SER B 258 22.19 -26.71 -17.69
C SER B 258 22.13 -25.94 -19.02
N HIS B 259 21.23 -24.98 -19.08
CA HIS B 259 21.13 -24.03 -20.21
C HIS B 259 22.44 -23.31 -20.48
N PHE B 260 23.29 -23.27 -19.45
CA PHE B 260 24.57 -22.58 -19.51
C PHE B 260 25.69 -23.55 -19.16
N HIS B 261 25.71 -24.69 -19.85
CA HIS B 261 26.71 -25.72 -19.60
C HIS B 261 28.05 -25.28 -20.19
N HIS B 262 27.97 -24.76 -21.41
CA HIS B 262 29.12 -24.25 -22.15
C HIS B 262 29.86 -23.15 -21.39
N TYR B 263 29.25 -22.63 -20.33
CA TYR B 263 29.90 -21.63 -19.49
C TYR B 263 30.84 -22.30 -18.47
N ALA B 264 30.68 -23.60 -18.21
CA ALA B 264 31.58 -24.30 -17.27
C ALA B 264 33.06 -24.30 -17.71
N ALA B 265 33.32 -24.49 -19.02
CA ALA B 265 34.69 -24.53 -19.53
C ALA B 265 35.52 -23.24 -19.28
N PHE B 266 34.91 -22.08 -19.45
CA PHE B 266 35.57 -20.78 -19.17
C PHE B 266 36.45 -20.75 -17.91
N SER B 267 37.67 -20.23 -18.09
CA SER B 267 38.57 -19.88 -16.97
C SER B 267 38.09 -18.70 -16.14
N ASP B 268 38.47 -18.68 -14.87
CA ASP B 268 38.26 -17.52 -13.99
C ASP B 268 38.33 -16.17 -14.71
N SER B 269 39.41 -15.96 -15.45
CA SER B 269 39.62 -14.71 -16.18
C SER B 269 38.47 -14.47 -17.19
N GLN B 270 38.03 -15.55 -17.82
CA GLN B 270 37.07 -15.49 -18.93
C GLN B 270 35.63 -15.38 -18.44
N ALA B 271 35.32 -16.14 -17.40
CA ALA B 271 34.01 -16.14 -16.81
C ALA B 271 33.73 -14.80 -16.14
N VAL B 272 34.77 -14.13 -15.64
CA VAL B 272 34.61 -12.79 -15.10
C VAL B 272 34.20 -11.81 -16.20
N VAL B 273 34.85 -11.84 -17.35
CA VAL B 273 34.46 -10.90 -18.41
C VAL B 273 32.98 -11.17 -18.73
N ALA B 274 32.63 -12.44 -18.93
CA ALA B 274 31.27 -12.83 -19.31
C ALA B 274 30.25 -12.33 -18.30
N ALA B 275 30.56 -12.50 -17.02
CA ALA B 275 29.71 -12.06 -15.94
C ALA B 275 29.56 -10.53 -15.91
N ARG B 276 30.66 -9.77 -15.79
CA ARG B 276 30.57 -8.31 -15.82
C ARG B 276 29.68 -7.89 -17.00
N GLU B 277 29.71 -8.67 -18.08
CA GLU B 277 28.96 -8.27 -19.25
C GLU B 277 27.45 -8.52 -19.09
N ILE B 278 27.10 -9.65 -18.49
CA ILE B 278 25.70 -10.00 -18.30
C ILE B 278 25.09 -9.02 -17.29
N TRP B 279 25.83 -8.77 -16.21
CA TRP B 279 25.49 -7.69 -15.30
C TRP B 279 25.26 -6.39 -16.08
N ARG B 280 26.32 -5.89 -16.70
CA ARG B 280 26.35 -4.58 -17.35
C ARG B 280 25.20 -4.31 -18.34
N THR B 281 24.70 -5.36 -18.98
CA THR B 281 23.73 -5.15 -20.05
C THR B 281 22.32 -5.68 -19.75
N ILE B 282 22.23 -6.68 -18.88
CA ILE B 282 20.94 -7.11 -18.37
C ILE B 282 20.65 -6.70 -16.91
N ASN B 283 21.41 -7.22 -15.95
CA ASN B 283 20.96 -7.16 -14.57
C ASN B 283 21.16 -5.83 -13.90
N ARG B 284 22.17 -5.09 -14.31
CA ARG B 284 22.38 -3.80 -13.70
C ARG B 284 21.27 -2.88 -14.23
N PRO B 285 21.01 -2.89 -15.54
CA PRO B 285 19.85 -2.18 -16.04
C PRO B 285 18.56 -2.49 -15.28
N ASN B 286 18.24 -3.76 -15.09
CA ASN B 286 16.98 -4.09 -14.47
C ASN B 286 16.94 -3.41 -13.12
N LEU B 287 18.04 -3.51 -12.38
CA LEU B 287 18.17 -2.91 -11.07
C LEU B 287 17.88 -1.39 -11.04
N VAL B 288 18.45 -0.67 -12.00
CA VAL B 288 18.40 0.79 -12.00
C VAL B 288 17.01 1.28 -12.43
N GLU B 289 16.39 0.59 -13.40
CA GLU B 289 15.10 1.00 -13.94
C GLU B 289 13.95 0.53 -13.07
N ASN B 290 14.05 -0.62 -12.46
CA ASN B 290 12.83 -1.32 -12.08
C ASN B 290 12.82 -1.81 -10.65
N ILE B 291 14.00 -1.90 -10.03
CA ILE B 291 14.08 -2.48 -8.69
C ILE B 291 14.35 -1.38 -7.69
N LEU B 292 15.37 -0.59 -8.00
CA LEU B 292 15.78 0.48 -7.11
C LEU B 292 14.66 1.40 -6.75
N PRO B 293 13.90 1.91 -7.74
CA PRO B 293 12.80 2.82 -7.44
C PRO B 293 11.77 2.28 -6.48
N THR B 294 11.67 0.96 -6.33
CA THR B 294 10.72 0.39 -5.39
C THR B 294 11.29 0.38 -3.97
N ARG B 295 12.60 0.53 -3.85
CA ARG B 295 13.24 0.74 -2.54
C ARG B 295 12.35 1.53 -1.51
N PRO B 296 12.05 2.81 -1.74
CA PRO B 296 11.35 3.50 -0.64
C PRO B 296 9.88 3.07 -0.36
N ARG B 297 9.38 2.05 -1.06
CA ARG B 297 8.04 1.53 -0.84
C ARG B 297 8.05 0.46 0.20
N ALA B 298 9.22 0.02 0.63
CA ALA B 298 9.27 -1.06 1.61
C ALA B 298 9.14 -0.57 3.05
N THR B 299 8.49 -1.40 3.87
CA THR B 299 8.41 -1.19 5.32
C THR B 299 9.80 -1.13 6.02
N LEU B 300 10.76 -1.86 5.49
CA LEU B 300 12.08 -2.00 6.08
C LEU B 300 13.15 -2.15 4.99
N VAL B 301 14.03 -1.16 4.86
CA VAL B 301 15.20 -1.29 3.98
C VAL B 301 16.44 -1.76 4.79
N LEU B 302 17.09 -2.84 4.34
CA LEU B 302 18.30 -3.34 4.99
C LEU B 302 19.43 -3.17 4.04
N ARG B 303 20.38 -2.30 4.39
CA ARG B 303 21.54 -2.11 3.57
C ARG B 303 22.64 -3.04 4.08
N LYS B 304 23.37 -3.64 3.14
CA LYS B 304 24.47 -4.52 3.44
C LYS B 304 25.83 -3.98 2.98
N ASP B 305 26.84 -4.26 3.79
CA ASP B 305 28.25 -4.12 3.42
C ASP B 305 28.71 -4.96 2.24
N ALA B 306 29.91 -4.63 1.78
CA ALA B 306 30.68 -5.47 0.85
C ALA B 306 30.77 -6.93 1.33
N ASP B 307 30.79 -7.11 2.65
CA ASP B 307 31.01 -8.43 3.29
C ASP B 307 29.71 -9.13 3.72
N HIS B 308 28.57 -8.61 3.25
CA HIS B 308 27.24 -9.14 3.55
C HIS B 308 26.78 -8.91 4.98
N SER B 309 27.36 -7.91 5.63
CA SER B 309 26.88 -7.52 6.95
C SER B 309 25.99 -6.28 6.84
N ILE B 310 24.80 -6.41 7.43
CA ILE B 310 23.89 -5.30 7.54
C ILE B 310 24.61 -4.18 8.26
N ASN B 311 24.76 -3.08 7.55
CA ASN B 311 25.31 -1.85 8.06
C ASN B 311 24.22 -0.75 8.35
N ARG B 312 22.97 -0.98 7.96
CA ARG B 312 21.91 0.07 8.02
C ARG B 312 20.48 -0.52 7.89
N LEU B 313 19.61 -0.18 8.84
CA LEU B 313 18.23 -0.62 8.82
C LEU B 313 17.39 0.65 8.80
N ARG B 314 16.36 0.68 7.94
CA ARG B 314 15.40 1.80 7.88
C ARG B 314 13.98 1.31 8.05
N LEU B 315 13.41 1.70 9.19
CA LEU B 315 12.11 1.24 9.57
C LEU B 315 11.07 2.34 9.47
N ARG B 316 9.99 2.00 8.76
CA ARG B 316 8.83 2.84 8.62
C ARG B 316 8.32 3.23 9.99
N LYS B 317 8.29 4.52 10.24
CA LYS B 317 7.73 5.03 11.49
C LYS B 317 6.30 4.49 11.66
N LEU B 318 5.99 4.03 12.85
CA LEU B 318 4.66 3.50 13.17
C LEU B 318 3.71 4.59 13.69
P PO4 C . -17.68 15.08 -3.85
O1 PO4 C . -19.10 15.27 -3.38
O2 PO4 C . -16.71 15.70 -2.87
O3 PO4 C . -17.62 15.67 -5.23
O4 PO4 C . -17.46 13.57 -3.89
CL ZVT D . -15.57 19.92 -9.26
CAX ZVT D . -13.83 19.45 -9.23
CAH ZVT D . -13.32 18.79 -8.10
CAF ZVT D . -11.98 18.41 -8.05
CAG ZVT D . -11.13 18.69 -9.12
CAI ZVT D . -11.64 19.35 -10.23
CAY ZVT D . -12.98 19.72 -10.30
CAU ZVT D . -13.45 20.44 -11.52
OAC ZVT D . -13.54 21.66 -11.42
NAR ZVT D . -13.71 19.80 -12.65
CBB ZVT D . -14.13 20.61 -13.77
CAA ZVT D . -13.73 19.98 -15.10
CBA ZVT D . -15.58 20.87 -13.77
NBC ZVT D . -16.17 22.06 -14.02
CAB ZVT D . -15.51 23.36 -14.35
NAQ ZVT D . -16.53 19.93 -13.51
NAP ZVT D . -17.78 20.55 -13.60
CAZ ZVT D . -17.47 21.81 -13.92
SAT ZVT D . -18.71 23.03 -14.14
CAO ZVT D . -18.41 24.16 -12.82
CAN ZVT D . -18.25 23.40 -11.50
OAS ZVT D . -19.55 22.97 -11.10
CAW ZVT D . -19.80 21.75 -10.49
CAL ZVT D . -18.87 21.19 -9.60
CAM ZVT D . -21.00 21.08 -10.77
CAK ZVT D . -21.26 19.86 -10.16
CAV ZVT D . -20.31 19.30 -9.26
FAD ZVT D . -20.59 18.12 -8.68
CAJ ZVT D . -19.12 19.96 -8.98
P PO4 E . 19.16 -13.13 -4.53
O1 PO4 E . 20.39 -13.37 -3.72
O2 PO4 E . 18.18 -14.19 -4.16
O3 PO4 E . 19.60 -13.08 -5.98
O4 PO4 E . 18.48 -11.81 -4.22
CL ZVT F . 18.87 -15.12 -11.66
CAX ZVT F . 17.26 -14.52 -12.19
CAH ZVT F . 16.29 -14.27 -11.19
CAF ZVT F . 15.01 -13.81 -11.56
CAG ZVT F . 14.72 -13.59 -12.91
CAI ZVT F . 15.69 -13.83 -13.91
CAY ZVT F . 16.97 -14.31 -13.56
CAU ZVT F . 17.97 -14.52 -14.67
OAC ZVT F . 18.38 -15.64 -14.92
NAR ZVT F . 18.36 -13.47 -15.39
CBB ZVT F . 19.28 -13.64 -16.51
CAA ZVT F . 19.37 -12.37 -17.35
CBA ZVT F . 20.66 -14.02 -16.12
NBC ZVT F . 21.33 -15.07 -16.59
CAB ZVT F . 20.82 -16.06 -17.57
NAQ ZVT F . 21.46 -13.34 -15.27
NAP ZVT F . 22.70 -14.00 -15.17
CAZ ZVT F . 22.54 -15.04 -16.01
SAT ZVT F . 23.81 -16.23 -16.26
CAO ZVT F . 22.83 -17.63 -15.78
CAN ZVT F . 22.52 -17.63 -14.28
OAS ZVT F . 23.67 -17.12 -13.58
CAW ZVT F . 23.60 -16.42 -12.40
CAL ZVT F . 22.45 -16.36 -11.60
CAM ZVT F . 24.76 -15.74 -11.98
CAK ZVT F . 24.76 -15.02 -10.78
CAV ZVT F . 23.60 -14.96 -10.02
FAD ZVT F . 23.61 -14.25 -8.87
CAJ ZVT F . 22.43 -15.64 -10.41
#